data_9KEK
#
_entry.id   9KEK
#
_cell.length_a   73.956
_cell.length_b   65.758
_cell.length_c   69.633
_cell.angle_alpha   90
_cell.angle_beta   96.218
_cell.angle_gamma   90
#
_symmetry.space_group_name_H-M   'P 1 21 1'
#
loop_
_entity.id
_entity.type
_entity.pdbx_description
1 polymer 'Lactoylglutathione lyase'
2 non-polymer 'ZINC ION'
3 non-polymer PICEATANNOL
4 non-polymer 'TETRAETHYLENE GLYCOL'
5 water water
#
_entity_poly.entity_id   1
_entity_poly.type   'polypeptide(L)'
_entity_poly.pdbx_seq_one_letter_code
;MAEPQPPSGGLTDEAALSCCSDADPSTKDFLLQQTMLRVKDPKKSLDFYTRVLGMTLIQKCDFPIMKFSLYFLAYEDKND
IPKEKDEKIAWALSRKATLELTHNWGTEDDETQSYHNGNSDPRGFGHIGIAVPDVYSACKRFEELGVKFVKKPDDGKMKG
LAFIQDPDGYWIEILNPNKMATLMLEHHHHHH
;
_entity_poly.pdbx_strand_id   A,B,C,D
#
# COMPACT_ATOMS: atom_id res chain seq x y z
N GLY A 9 23.63 -24.06 19.68
CA GLY A 9 23.17 -22.71 19.98
C GLY A 9 24.04 -21.80 19.13
N GLY A 10 23.90 -20.49 19.29
CA GLY A 10 24.95 -19.54 18.95
C GLY A 10 25.57 -19.03 20.26
N LEU A 11 26.15 -17.84 20.22
CA LEU A 11 26.98 -17.37 21.31
C LEU A 11 26.06 -16.99 22.45
N THR A 12 26.53 -17.18 23.68
CA THR A 12 25.86 -16.54 24.80
C THR A 12 26.15 -15.05 24.71
N ASP A 13 25.39 -14.25 25.48
CA ASP A 13 25.74 -12.87 25.64
C ASP A 13 27.17 -12.68 26.14
N GLU A 14 27.59 -13.42 27.19
CA GLU A 14 28.89 -13.21 27.83
C GLU A 14 29.97 -13.49 26.79
N ALA A 15 29.82 -14.57 26.03
CA ALA A 15 30.74 -14.99 24.98
C ALA A 15 30.89 -13.89 23.92
N ALA A 16 29.72 -13.46 23.42
CA ALA A 16 29.65 -12.43 22.40
C ALA A 16 30.46 -11.23 22.84
N LEU A 17 30.22 -10.79 24.09
CA LEU A 17 30.92 -9.63 24.61
C LEU A 17 32.42 -9.85 24.74
N SER A 18 32.83 -11.12 24.97
CA SER A 18 34.22 -11.53 25.15
C SER A 18 35.02 -11.33 23.86
N CYS A 19 34.29 -11.25 22.75
CA CYS A 19 34.84 -11.11 21.41
C CYS A 19 34.96 -9.64 21.03
N CYS A 20 34.42 -8.75 21.84
CA CYS A 20 34.42 -7.33 21.54
C CYS A 20 35.64 -6.66 22.13
N SER A 21 36.30 -5.73 21.43
CA SER A 21 37.36 -4.94 22.02
C SER A 21 36.95 -3.50 22.20
N ASP A 22 37.65 -2.83 23.13
CA ASP A 22 37.47 -1.41 23.34
C ASP A 22 37.93 -0.62 22.09
N ALA A 23 37.34 0.59 21.89
CA ALA A 23 37.62 1.51 20.80
C ALA A 23 39.08 1.99 20.85
N ASP A 24 39.91 1.69 19.84
CA ASP A 24 41.17 2.37 19.68
C ASP A 24 40.97 3.89 19.57
N PRO A 25 41.78 4.73 20.28
CA PRO A 25 41.58 6.18 20.35
C PRO A 25 41.49 6.81 18.94
N SER A 26 42.26 6.25 18.00
CA SER A 26 42.32 6.81 16.66
C SER A 26 40.95 6.76 15.94
N THR A 27 40.05 5.87 16.37
CA THR A 27 38.76 5.68 15.73
C THR A 27 37.64 6.51 16.38
N LYS A 28 37.98 7.46 17.26
CA LYS A 28 37.02 8.06 18.18
C LYS A 28 35.97 8.92 17.46
N ASP A 29 36.32 9.55 16.33
CA ASP A 29 35.41 10.40 15.57
C ASP A 29 34.87 9.70 14.31
N PHE A 30 35.09 8.40 14.15
CA PHE A 30 34.45 7.65 13.08
C PHE A 30 32.93 7.68 13.21
N LEU A 31 32.22 7.70 12.07
CA LEU A 31 30.78 7.57 12.08
C LEU A 31 30.32 6.75 10.88
N LEU A 32 29.21 6.00 11.09
CA LEU A 32 28.52 5.27 10.03
C LEU A 32 27.69 6.25 9.21
N GLN A 33 28.29 6.73 8.12
CA GLN A 33 27.76 7.80 7.30
C GLN A 33 26.73 7.34 6.21
N GLN A 34 26.93 6.17 5.61
CA GLN A 34 26.08 5.79 4.48
C GLN A 34 25.92 4.26 4.35
N THR A 35 24.81 3.93 3.65
CA THR A 35 24.50 2.63 3.15
C THR A 35 24.18 2.84 1.64
N MET A 36 24.93 2.17 0.79
CA MET A 36 24.75 2.33 -0.64
C MET A 36 23.89 1.21 -1.17
N LEU A 37 22.84 1.58 -1.87
CA LEU A 37 22.04 0.66 -2.70
C LEU A 37 22.02 1.10 -4.16
N ARG A 38 22.11 0.15 -5.10
CA ARG A 38 21.98 0.53 -6.49
C ARG A 38 20.51 0.55 -6.87
N VAL A 39 20.12 1.52 -7.72
CA VAL A 39 18.70 1.66 -8.10
C VAL A 39 18.48 1.64 -9.60
N LYS A 40 17.46 0.90 -10.04
CA LYS A 40 17.16 0.83 -11.45
C LYS A 40 16.74 2.17 -12.06
N ASP A 41 15.88 2.91 -11.33
CA ASP A 41 15.21 4.03 -11.93
C ASP A 41 15.12 5.13 -10.85
N PRO A 42 16.00 6.15 -10.95
CA PRO A 42 16.15 7.14 -9.88
C PRO A 42 14.86 7.95 -9.73
N LYS A 43 14.06 8.07 -10.80
CA LYS A 43 12.82 8.81 -10.69
C LYS A 43 11.90 8.20 -9.64
N LYS A 44 11.61 6.91 -9.78
CA LYS A 44 10.75 6.15 -8.88
C LYS A 44 11.38 6.05 -7.48
N SER A 45 12.69 5.89 -7.41
CA SER A 45 13.39 5.82 -6.13
C SER A 45 13.29 7.14 -5.39
N LEU A 46 13.55 8.26 -6.10
CA LEU A 46 13.49 9.54 -5.45
C LEU A 46 12.08 9.81 -4.91
N ASP A 47 11.10 9.45 -5.71
CA ASP A 47 9.69 9.62 -5.33
C ASP A 47 9.36 8.80 -4.10
N PHE A 48 9.86 7.56 -4.02
CA PHE A 48 9.54 6.71 -2.92
C PHE A 48 10.19 7.23 -1.61
N TYR A 49 11.48 7.51 -1.63
CA TYR A 49 12.20 7.90 -0.42
C TYR A 49 11.79 9.28 0.14
N THR A 50 11.47 10.25 -0.73
CA THR A 50 11.02 11.57 -0.37
C THR A 50 9.52 11.61 -0.04
N ARG A 51 8.62 11.20 -0.93
CA ARG A 51 7.21 11.35 -0.67
C ARG A 51 6.68 10.29 0.30
N VAL A 52 7.04 8.99 0.08
CA VAL A 52 6.52 7.95 0.98
C VAL A 52 7.24 7.99 2.34
N LEU A 53 8.58 7.97 2.34
CA LEU A 53 9.29 7.81 3.59
C LEU A 53 9.72 9.12 4.24
N GLY A 54 9.57 10.26 3.56
CA GLY A 54 9.85 11.53 4.19
C GLY A 54 11.35 11.89 4.32
N MET A 55 12.23 11.26 3.55
CA MET A 55 13.62 11.65 3.54
C MET A 55 13.76 12.91 2.64
N THR A 56 14.94 13.47 2.70
CA THR A 56 15.33 14.62 1.88
C THR A 56 16.53 14.29 0.99
N LEU A 57 16.46 14.73 -0.26
CA LEU A 57 17.58 14.71 -1.14
C LEU A 57 18.57 15.78 -0.69
N ILE A 58 19.76 15.38 -0.26
CA ILE A 58 20.72 16.36 0.26
C ILE A 58 21.91 16.58 -0.67
N GLN A 59 22.15 15.68 -1.65
CA GLN A 59 23.27 15.83 -2.58
C GLN A 59 23.05 14.91 -3.76
N LYS A 60 23.28 15.42 -4.96
CA LYS A 60 23.34 14.65 -6.17
C LYS A 60 24.72 14.88 -6.79
N CYS A 61 25.34 13.80 -7.24
CA CYS A 61 26.67 13.79 -7.85
C CYS A 61 26.55 12.99 -9.19
N ASP A 62 27.15 13.51 -10.28
CA ASP A 62 27.06 12.91 -11.62
C ASP A 62 28.47 12.68 -12.16
N PHE A 63 28.72 11.51 -12.76
CA PHE A 63 30.05 11.21 -13.26
C PHE A 63 29.97 10.76 -14.69
N PRO A 64 30.03 11.70 -15.66
CA PRO A 64 29.65 11.36 -17.05
C PRO A 64 30.61 10.36 -17.70
N ILE A 65 31.89 10.34 -17.33
CA ILE A 65 32.77 9.35 -17.95
C ILE A 65 32.38 7.92 -17.52
N MET A 66 32.14 7.75 -16.20
CA MET A 66 31.76 6.45 -15.65
C MET A 66 30.27 6.16 -15.93
N LYS A 67 29.45 7.18 -16.24
CA LYS A 67 28.00 7.04 -16.53
C LYS A 67 27.22 6.53 -15.32
N PHE A 68 27.38 7.22 -14.19
CA PHE A 68 26.52 6.94 -13.02
C PHE A 68 26.30 8.27 -12.28
N SER A 69 25.25 8.29 -11.48
CA SER A 69 24.94 9.34 -10.56
C SER A 69 24.78 8.73 -9.15
N LEU A 70 24.89 9.59 -8.14
CA LEU A 70 24.74 9.21 -6.72
C LEU A 70 23.73 10.18 -6.14
N TYR A 71 22.77 9.66 -5.45
CA TYR A 71 21.84 10.50 -4.75
C TYR A 71 21.93 10.22 -3.27
N PHE A 72 22.31 11.22 -2.41
CA PHE A 72 22.33 11.09 -0.94
C PHE A 72 20.99 11.53 -0.34
N LEU A 73 20.32 10.60 0.38
CA LEU A 73 19.03 10.84 1.03
C LEU A 73 19.23 10.67 2.54
N ALA A 74 18.58 11.53 3.34
CA ALA A 74 18.74 11.56 4.77
C ALA A 74 17.51 12.18 5.41
N TYR A 75 17.29 11.84 6.67
CA TYR A 75 16.29 12.50 7.46
C TYR A 75 16.95 13.75 8.02
N GLU A 76 16.88 14.83 7.24
CA GLU A 76 17.45 16.13 7.55
C GLU A 76 16.45 17.17 7.10
N ASP A 77 16.50 18.26 7.83
CA ASP A 77 15.70 19.46 7.49
C ASP A 77 16.34 20.10 6.24
N LYS A 78 15.54 20.33 5.16
CA LYS A 78 16.06 20.88 3.91
C LYS A 78 16.55 22.32 4.09
N ASN A 79 16.21 22.96 5.25
CA ASN A 79 16.62 24.32 5.49
C ASN A 79 18.00 24.31 6.10
N ASP A 80 18.54 23.14 6.45
CA ASP A 80 19.90 23.11 6.96
C ASP A 80 20.92 22.76 5.86
N ILE A 81 20.47 22.40 4.67
CA ILE A 81 21.43 22.14 3.60
C ILE A 81 22.20 23.42 3.25
N PRO A 82 23.54 23.46 3.24
CA PRO A 82 24.24 24.70 2.85
C PRO A 82 23.82 25.09 1.44
N LYS A 83 23.76 26.41 1.19
CA LYS A 83 23.59 26.97 -0.16
C LYS A 83 24.84 26.76 -1.05
N GLU A 84 26.05 26.88 -0.51
CA GLU A 84 27.28 26.82 -1.31
C GLU A 84 27.73 25.38 -1.59
N LYS A 85 28.31 25.12 -2.76
CA LYS A 85 28.43 23.77 -3.31
C LYS A 85 29.47 22.87 -2.62
N ASP A 86 30.66 23.41 -2.27
CA ASP A 86 31.65 22.60 -1.58
C ASP A 86 31.21 22.35 -0.13
N GLU A 87 30.62 23.37 0.49
CA GLU A 87 30.07 23.27 1.84
C GLU A 87 28.96 22.23 1.90
N LYS A 88 28.10 22.21 0.90
CA LYS A 88 26.98 21.28 0.88
C LYS A 88 27.46 19.81 0.83
N ILE A 89 28.43 19.51 -0.02
CA ILE A 89 29.03 18.17 -0.14
C ILE A 89 29.64 17.78 1.22
N ALA A 90 30.48 18.65 1.80
CA ALA A 90 31.10 18.34 3.11
C ALA A 90 30.05 18.06 4.18
N TRP A 91 29.02 18.91 4.24
CA TRP A 91 27.92 18.69 5.15
C TRP A 91 27.20 17.37 4.84
N ALA A 92 26.83 17.16 3.58
CA ALA A 92 26.03 15.98 3.23
C ALA A 92 26.77 14.68 3.57
N LEU A 93 28.07 14.63 3.23
CA LEU A 93 28.89 13.44 3.43
C LEU A 93 29.44 13.36 4.86
N SER A 94 29.11 14.33 5.72
CA SER A 94 29.38 14.25 7.16
C SER A 94 28.11 13.93 7.97
N ARG A 95 26.96 13.76 7.32
CA ARG A 95 25.77 13.39 8.06
C ARG A 95 25.77 11.90 8.37
N LYS A 96 25.29 11.49 9.55
CA LYS A 96 25.12 10.06 9.82
C LYS A 96 23.86 9.53 9.12
N ALA A 97 23.84 8.21 8.92
CA ALA A 97 22.62 7.51 8.56
C ALA A 97 22.04 8.11 7.27
N THR A 98 22.89 8.22 6.25
CA THR A 98 22.45 8.60 4.92
C THR A 98 22.24 7.32 4.11
N LEU A 99 21.48 7.48 3.05
CA LEU A 99 21.30 6.45 2.05
C LEU A 99 21.86 6.93 0.70
N GLU A 100 22.83 6.17 0.14
CA GLU A 100 23.41 6.52 -1.12
C GLU A 100 22.82 5.64 -2.21
N LEU A 101 22.12 6.23 -3.15
CA LEU A 101 21.50 5.41 -4.19
C LEU A 101 22.27 5.62 -5.48
N THR A 102 22.73 4.54 -6.09
CA THR A 102 23.60 4.64 -7.25
C THR A 102 22.78 4.24 -8.49
N HIS A 103 22.83 5.07 -9.52
CA HIS A 103 22.09 4.86 -10.76
C HIS A 103 23.11 4.73 -11.90
N ASN A 104 23.29 3.52 -12.42
CA ASN A 104 24.11 3.32 -13.62
C ASN A 104 23.18 3.65 -14.77
N TRP A 105 23.61 4.63 -15.57
CA TRP A 105 22.75 5.25 -16.57
C TRP A 105 22.29 4.18 -17.56
N GLY A 106 20.99 4.08 -17.84
CA GLY A 106 20.51 3.20 -18.90
C GLY A 106 19.69 2.06 -18.31
N THR A 107 19.93 1.74 -17.03
CA THR A 107 19.16 0.69 -16.38
C THR A 107 17.65 1.00 -16.42
N GLU A 108 17.25 2.24 -16.36
CA GLU A 108 15.81 2.56 -16.29
C GLU A 108 15.07 2.10 -17.56
N ASP A 109 15.77 1.96 -18.68
CA ASP A 109 15.14 1.57 -19.97
C ASP A 109 15.36 0.11 -20.29
N ASP A 110 16.07 -0.64 -19.44
CA ASP A 110 16.46 -2.02 -19.71
C ASP A 110 15.43 -3.00 -19.12
N GLU A 111 14.74 -3.68 -20.03
CA GLU A 111 13.62 -4.53 -19.68
C GLU A 111 14.06 -5.75 -18.88
N THR A 112 15.25 -6.27 -19.18
CA THR A 112 15.68 -7.51 -18.52
C THR A 112 16.50 -7.20 -17.26
N GLN A 113 17.13 -6.01 -17.10
CA GLN A 113 17.91 -5.81 -15.88
C GLN A 113 17.06 -5.63 -14.61
N SER A 114 17.57 -6.08 -13.44
CA SER A 114 16.98 -5.77 -12.15
C SER A 114 18.05 -6.03 -11.11
N TYR A 115 18.04 -5.34 -9.98
CA TYR A 115 19.01 -5.60 -8.92
C TYR A 115 18.44 -6.63 -7.94
N HIS A 116 19.33 -7.35 -7.25
CA HIS A 116 18.93 -8.38 -6.30
C HIS A 116 18.88 -7.79 -4.89
N ASN A 117 17.85 -8.13 -4.13
CA ASN A 117 17.55 -7.53 -2.85
C ASN A 117 18.27 -8.22 -1.69
N GLY A 118 18.98 -9.31 -1.97
CA GLY A 118 19.80 -9.98 -0.96
C GLY A 118 19.05 -11.06 -0.16
N ASN A 119 17.74 -11.20 -0.39
CA ASN A 119 16.89 -12.08 0.41
C ASN A 119 16.50 -13.36 -0.35
N SER A 120 17.01 -13.59 -1.54
CA SER A 120 16.89 -14.91 -2.12
C SER A 120 18.30 -15.34 -2.45
N ASP A 121 18.54 -16.62 -2.83
CA ASP A 121 19.90 -17.07 -3.05
C ASP A 121 20.48 -16.34 -4.26
N PRO A 122 21.70 -15.80 -4.23
CA PRO A 122 22.56 -15.82 -3.03
C PRO A 122 22.25 -14.68 -2.07
N ARG A 123 22.14 -14.97 -0.78
CA ARG A 123 21.71 -14.00 0.18
C ARG A 123 22.94 -13.22 0.69
N GLY A 124 22.71 -12.01 1.19
CA GLY A 124 23.69 -11.25 1.92
C GLY A 124 23.07 -10.14 2.80
N PHE A 125 23.10 -8.92 2.29
CA PHE A 125 22.22 -7.86 2.73
C PHE A 125 20.78 -8.33 2.89
N GLY A 126 20.13 -7.83 3.93
CA GLY A 126 18.74 -8.12 4.21
C GLY A 126 17.81 -6.95 3.99
N HIS A 127 18.14 -5.82 4.62
CA HIS A 127 17.23 -4.69 4.68
C HIS A 127 17.86 -3.45 5.31
N ILE A 128 17.23 -2.31 4.96
CA ILE A 128 17.36 -1.15 5.81
C ILE A 128 16.15 -1.10 6.74
N GLY A 129 16.22 -0.29 7.78
CA GLY A 129 15.20 -0.18 8.79
C GLY A 129 15.01 1.27 9.24
N ILE A 130 13.74 1.68 9.24
CA ILE A 130 13.25 2.98 9.70
C ILE A 130 12.56 2.87 11.05
N ALA A 131 13.01 3.64 12.08
CA ALA A 131 12.30 3.69 13.33
C ALA A 131 11.24 4.78 13.22
N VAL A 132 10.04 4.46 13.71
CA VAL A 132 8.86 5.34 13.61
C VAL A 132 8.13 5.38 14.96
N PRO A 133 7.35 6.43 15.29
CA PRO A 133 6.65 6.49 16.59
C PRO A 133 5.58 5.45 16.80
N ASP A 134 4.96 5.03 15.68
CA ASP A 134 3.81 4.15 15.65
C ASP A 134 3.74 3.37 14.32
N VAL A 135 3.96 2.05 14.36
CA VAL A 135 4.09 1.22 13.18
C VAL A 135 2.75 1.13 12.47
N TYR A 136 1.65 1.10 13.22
CA TYR A 136 0.31 0.96 12.64
C TYR A 136 -0.14 2.17 11.83
N SER A 137 0.07 3.36 12.37
CA SER A 137 -0.27 4.57 11.65
C SER A 137 0.65 4.77 10.43
N ALA A 138 1.97 4.57 10.60
CA ALA A 138 2.88 4.63 9.46
C ALA A 138 2.42 3.65 8.34
N CYS A 139 2.11 2.40 8.70
CA CYS A 139 1.74 1.43 7.67
C CYS A 139 0.36 1.68 7.06
N LYS A 140 -0.54 2.30 7.82
CA LYS A 140 -1.84 2.61 7.22
C LYS A 140 -1.65 3.70 6.15
N ARG A 141 -0.80 4.72 6.42
CA ARG A 141 -0.41 5.68 5.40
C ARG A 141 0.25 4.95 4.24
N PHE A 142 1.18 4.03 4.50
CA PHE A 142 1.88 3.36 3.41
C PHE A 142 0.91 2.58 2.50
N GLU A 143 0.00 1.78 3.07
CA GLU A 143 -1.09 1.13 2.34
C GLU A 143 -1.94 2.10 1.51
N GLU A 144 -2.40 3.22 2.10
CA GLU A 144 -3.14 4.22 1.34
C GLU A 144 -2.30 4.73 0.17
N LEU A 145 -0.95 4.74 0.29
CA LEU A 145 -0.16 5.22 -0.86
C LEU A 145 0.19 4.14 -1.87
N GLY A 146 -0.36 2.94 -1.73
CA GLY A 146 -0.06 1.88 -2.70
C GLY A 146 1.27 1.17 -2.46
N VAL A 147 1.93 1.31 -1.30
CA VAL A 147 3.22 0.66 -1.05
C VAL A 147 3.05 -0.83 -1.00
N LYS A 148 4.04 -1.56 -1.50
CA LYS A 148 4.02 -3.01 -1.49
C LYS A 148 4.59 -3.55 -0.19
N PHE A 149 3.89 -4.50 0.47
CA PHE A 149 4.30 -4.96 1.79
C PHE A 149 4.90 -6.37 1.72
N VAL A 150 6.03 -6.61 2.38
CA VAL A 150 6.53 -7.95 2.50
C VAL A 150 5.93 -8.57 3.75
N LYS A 151 5.83 -7.81 4.85
CA LYS A 151 5.20 -8.31 6.08
C LYS A 151 4.41 -7.15 6.72
N LYS A 152 3.10 -7.39 6.92
CA LYS A 152 2.21 -6.42 7.55
C LYS A 152 2.47 -6.41 9.06
N PRO A 153 2.10 -5.33 9.80
CA PRO A 153 2.56 -5.14 11.18
C PRO A 153 2.26 -6.38 12.02
N ASP A 154 1.04 -6.95 11.85
CA ASP A 154 0.70 -8.04 12.76
C ASP A 154 0.77 -9.45 12.14
N ASP A 155 1.35 -9.62 10.93
CA ASP A 155 1.55 -10.97 10.37
C ASP A 155 2.63 -11.70 11.17
N GLY A 156 2.30 -12.87 11.72
CA GLY A 156 3.28 -13.70 12.40
C GLY A 156 3.53 -13.27 13.84
N LYS A 157 4.61 -13.84 14.44
CA LYS A 157 4.82 -13.77 15.89
C LYS A 157 5.15 -12.33 16.28
N MET A 158 6.04 -11.67 15.49
CA MET A 158 6.55 -10.36 15.91
C MET A 158 5.53 -9.29 15.50
N LYS A 159 4.69 -8.86 16.45
CA LYS A 159 3.61 -7.93 16.19
C LYS A 159 4.16 -6.51 16.21
N GLY A 160 3.47 -5.64 15.47
CA GLY A 160 3.90 -4.25 15.38
C GLY A 160 5.32 -4.12 14.83
N LEU A 161 5.63 -4.94 13.82
CA LEU A 161 6.88 -4.81 13.11
C LEU A 161 6.56 -5.12 11.66
N ALA A 162 6.93 -4.27 10.70
CA ALA A 162 6.44 -4.45 9.33
C ALA A 162 7.59 -4.41 8.36
N PHE A 163 7.38 -4.97 7.17
CA PHE A 163 8.42 -4.88 6.16
C PHE A 163 7.75 -4.53 4.84
N ILE A 164 8.25 -3.42 4.27
CA ILE A 164 7.85 -2.97 2.98
C ILE A 164 9.03 -3.09 2.01
N GLN A 165 8.81 -2.69 0.77
CA GLN A 165 9.77 -2.85 -0.33
C GLN A 165 9.77 -1.53 -1.11
N ASP A 166 10.95 -1.08 -1.59
CA ASP A 166 11.13 0.10 -2.40
C ASP A 166 10.96 -0.33 -3.86
N PRO A 167 11.01 0.60 -4.83
CA PRO A 167 10.79 0.29 -6.25
C PRO A 167 11.72 -0.77 -6.83
N ASP A 168 12.89 -1.05 -6.24
CA ASP A 168 13.81 -2.03 -6.77
C ASP A 168 13.53 -3.34 -6.07
N GLY A 169 12.65 -3.35 -5.06
CA GLY A 169 12.46 -4.59 -4.30
C GLY A 169 13.34 -4.70 -3.06
N TYR A 170 14.10 -3.67 -2.70
CA TYR A 170 14.79 -3.76 -1.43
C TYR A 170 13.79 -3.77 -0.28
N TRP A 171 14.09 -4.58 0.77
CA TRP A 171 13.24 -4.63 1.94
C TRP A 171 13.61 -3.50 2.92
N ILE A 172 12.59 -2.89 3.49
CA ILE A 172 12.72 -1.85 4.51
C ILE A 172 11.89 -2.24 5.72
N GLU A 173 12.55 -2.27 6.89
CA GLU A 173 11.89 -2.59 8.13
C GLU A 173 11.30 -1.31 8.62
N ILE A 174 10.13 -1.50 9.24
CA ILE A 174 9.39 -0.42 9.89
C ILE A 174 9.19 -0.85 11.32
N LEU A 175 9.87 -0.21 12.23
CA LEU A 175 9.85 -0.72 13.62
C LEU A 175 9.54 0.42 14.59
N ASN A 176 9.05 0.08 15.76
CA ASN A 176 8.86 1.07 16.80
C ASN A 176 9.73 0.68 17.98
N PRO A 177 10.77 1.43 18.27
CA PRO A 177 11.70 1.04 19.33
C PRO A 177 11.10 0.97 20.72
N ASN A 178 10.18 1.87 21.02
CA ASN A 178 9.45 1.89 22.30
C ASN A 178 8.58 0.68 22.52
N LYS A 179 8.38 -0.17 21.51
CA LYS A 179 7.44 -1.27 21.65
C LYS A 179 8.13 -2.62 21.51
N MET A 180 9.34 -2.66 20.98
CA MET A 180 10.09 -3.88 21.10
C MET A 180 10.43 -3.94 22.60
N ALA A 181 10.43 -2.77 23.30
CA ALA A 181 10.58 -2.73 24.76
C ALA A 181 9.35 -3.23 25.53
N THR A 182 8.31 -3.72 24.84
CA THR A 182 7.24 -4.53 25.43
C THR A 182 7.00 -5.77 24.55
N LEU A 183 8.06 -6.54 24.28
CA LEU A 183 7.98 -7.78 23.51
C LEU A 183 9.22 -8.59 23.91
N MET A 184 9.34 -9.88 23.49
CA MET A 184 10.52 -10.73 23.73
C MET A 184 11.14 -11.16 22.36
N GLY B 9 22.82 10.88 -20.60
CA GLY B 9 22.07 9.95 -19.72
C GLY B 9 22.03 10.48 -18.28
N GLY B 10 21.27 9.79 -17.48
CA GLY B 10 21.16 10.29 -16.11
C GLY B 10 20.31 11.55 -16.09
N LEU B 11 19.69 11.84 -14.95
CA LEU B 11 18.79 12.98 -14.86
C LEU B 11 19.58 14.26 -14.69
N THR B 12 19.04 15.36 -15.20
CA THR B 12 19.47 16.67 -14.74
C THR B 12 19.18 16.87 -13.25
N ASP B 13 19.85 17.86 -12.64
CA ASP B 13 19.54 18.31 -11.28
C ASP B 13 18.08 18.69 -11.10
N GLU B 14 17.49 19.35 -12.13
CA GLU B 14 16.11 19.81 -12.07
C GLU B 14 15.15 18.64 -12.19
N ALA B 15 15.39 17.73 -13.14
CA ALA B 15 14.51 16.62 -13.28
C ALA B 15 14.52 15.81 -11.96
N ALA B 16 15.68 15.63 -11.35
CA ALA B 16 15.76 14.88 -10.07
C ALA B 16 14.94 15.58 -9.00
N LEU B 17 15.03 16.91 -8.93
CA LEU B 17 14.31 17.68 -7.90
C LEU B 17 12.81 17.64 -8.15
N SER B 18 12.37 17.66 -9.37
CA SER B 18 10.96 17.49 -9.71
C SER B 18 10.36 16.17 -9.27
N CYS B 19 11.20 15.15 -9.06
CA CYS B 19 10.72 13.87 -8.54
C CYS B 19 10.68 13.89 -7.01
N CYS B 20 11.24 14.92 -6.38
CA CYS B 20 11.24 14.98 -4.93
C CYS B 20 10.02 15.68 -4.35
N SER B 21 9.41 15.10 -3.30
CA SER B 21 8.39 15.77 -2.52
C SER B 21 8.91 16.19 -1.12
N ASP B 22 8.36 17.26 -0.56
CA ASP B 22 8.64 17.68 0.81
C ASP B 22 8.13 16.60 1.76
N ALA B 23 8.76 16.55 2.92
CA ALA B 23 8.47 15.55 3.92
C ALA B 23 7.07 15.73 4.52
N ASP B 24 6.22 14.73 4.38
CA ASP B 24 4.91 14.79 4.99
C ASP B 24 5.05 14.86 6.51
N PRO B 25 4.23 15.67 7.22
CA PRO B 25 4.33 15.78 8.69
C PRO B 25 4.25 14.42 9.43
N SER B 26 3.55 13.43 8.90
CA SER B 26 3.45 12.17 9.59
C SER B 26 4.86 11.56 9.69
N THR B 27 5.85 12.03 8.88
CA THR B 27 7.10 11.28 8.79
C THR B 27 8.13 12.00 9.61
N LYS B 28 7.71 13.04 10.30
CA LYS B 28 8.63 14.06 10.79
C LYS B 28 9.60 13.55 11.90
N ASP B 29 9.27 12.42 12.58
CA ASP B 29 10.17 11.85 13.58
C ASP B 29 10.79 10.51 13.15
N PHE B 30 10.66 10.12 11.89
CA PHE B 30 11.29 8.89 11.40
C PHE B 30 12.80 9.07 11.43
N LEU B 31 13.53 7.97 11.63
CA LEU B 31 14.97 8.01 11.45
C LEU B 31 15.44 6.69 10.84
N LEU B 32 16.58 6.76 10.15
CA LEU B 32 17.15 5.58 9.48
C LEU B 32 17.98 4.80 10.50
N GLN B 33 17.43 3.72 11.06
CA GLN B 33 17.94 3.18 12.33
C GLN B 33 18.99 2.08 12.12
N GLN B 34 18.89 1.35 11.00
CA GLN B 34 19.66 0.14 10.79
C GLN B 34 19.86 -0.23 9.32
N THR B 35 20.99 -0.93 9.13
CA THR B 35 21.40 -1.63 7.93
C THR B 35 21.71 -3.05 8.36
N MET B 36 21.04 -4.02 7.76
CA MET B 36 21.18 -5.41 8.14
C MET B 36 21.99 -6.20 7.11
N LEU B 37 23.01 -6.87 7.64
CA LEU B 37 23.84 -7.81 6.91
C LEU B 37 23.83 -9.19 7.56
N ARG B 38 23.86 -10.25 6.76
CA ARG B 38 24.02 -11.62 7.22
C ARG B 38 25.51 -11.89 7.42
N VAL B 39 25.85 -12.51 8.57
CA VAL B 39 27.20 -12.85 8.89
C VAL B 39 27.30 -14.38 9.08
N LYS B 40 28.37 -14.96 8.49
CA LYS B 40 28.75 -16.35 8.76
C LYS B 40 29.29 -16.64 10.17
N ASP B 41 30.07 -15.75 10.76
CA ASP B 41 30.73 -16.05 12.04
C ASP B 41 30.75 -14.83 12.92
N PRO B 42 29.80 -14.76 13.83
CA PRO B 42 29.71 -13.59 14.71
C PRO B 42 30.93 -13.24 15.59
N LYS B 43 31.74 -14.23 15.94
CA LYS B 43 33.03 -14.04 16.62
C LYS B 43 33.98 -13.15 15.82
N LYS B 44 34.21 -13.50 14.56
CA LYS B 44 35.07 -12.70 13.70
C LYS B 44 34.47 -11.33 13.37
N SER B 45 33.17 -11.30 13.11
CA SER B 45 32.43 -10.06 12.88
C SER B 45 32.52 -9.13 14.10
N LEU B 46 32.25 -9.62 15.33
CA LEU B 46 32.36 -8.75 16.49
C LEU B 46 33.78 -8.21 16.67
N ASP B 47 34.79 -9.07 16.43
CA ASP B 47 36.16 -8.64 16.59
C ASP B 47 36.52 -7.57 15.55
N PHE B 48 36.09 -7.71 14.26
CA PHE B 48 36.39 -6.71 13.24
C PHE B 48 35.69 -5.36 13.56
N TYR B 49 34.38 -5.35 13.77
CA TYR B 49 33.62 -4.13 13.93
C TYR B 49 34.03 -3.38 15.19
N THR B 50 34.42 -4.10 16.26
CA THR B 50 34.78 -3.45 17.53
C THR B 50 36.26 -3.06 17.51
N ARG B 51 37.16 -4.04 17.27
CA ARG B 51 38.58 -3.79 17.47
C ARG B 51 39.16 -2.94 16.32
N VAL B 52 38.86 -3.33 15.10
CA VAL B 52 39.35 -2.65 13.90
C VAL B 52 38.63 -1.32 13.69
N LEU B 53 37.29 -1.30 13.64
CA LEU B 53 36.53 -0.09 13.24
C LEU B 53 36.06 0.76 14.43
N GLY B 54 36.10 0.22 15.66
CA GLY B 54 35.83 0.93 16.89
C GLY B 54 34.34 1.13 17.21
N MET B 55 33.48 0.22 16.73
CA MET B 55 32.06 0.32 17.01
C MET B 55 31.88 -0.40 18.33
N THR B 56 30.67 -0.32 18.86
CA THR B 56 30.32 -0.88 20.16
C THR B 56 29.12 -1.81 20.00
N LEU B 57 29.16 -3.03 20.57
CA LEU B 57 27.96 -3.85 20.64
C LEU B 57 26.97 -3.30 21.66
N ILE B 58 25.84 -2.82 21.18
CA ILE B 58 24.82 -2.19 22.00
C ILE B 58 23.64 -3.11 22.35
N GLN B 59 23.41 -4.15 21.57
CA GLN B 59 22.29 -5.02 21.85
C GLN B 59 22.54 -6.34 21.15
N LYS B 60 22.01 -7.40 21.74
CA LYS B 60 21.95 -8.70 21.13
C LYS B 60 20.59 -9.35 21.45
N CYS B 61 20.05 -10.13 20.52
CA CYS B 61 18.80 -10.84 20.70
C CYS B 61 18.93 -12.24 20.10
N ASP B 62 18.19 -13.20 20.67
CA ASP B 62 18.29 -14.59 20.26
C ASP B 62 16.90 -15.16 20.02
N PHE B 63 16.78 -15.96 18.95
CA PHE B 63 15.45 -16.45 18.61
C PHE B 63 15.58 -17.94 18.42
N PRO B 64 15.36 -18.76 19.49
CA PRO B 64 15.79 -20.17 19.44
C PRO B 64 14.96 -21.10 18.54
N ILE B 65 13.72 -20.74 18.21
CA ILE B 65 12.96 -21.64 17.34
C ILE B 65 13.46 -21.39 15.93
N MET B 66 13.61 -20.09 15.65
CA MET B 66 14.16 -19.54 14.40
C MET B 66 15.63 -19.94 14.20
N LYS B 67 16.40 -20.11 15.28
CA LYS B 67 17.81 -20.49 15.21
C LYS B 67 18.64 -19.36 14.60
N PHE B 68 18.48 -18.15 15.16
CA PHE B 68 19.27 -17.01 14.71
C PHE B 68 19.45 -16.10 15.91
N SER B 69 20.48 -15.25 15.80
CA SER B 69 20.80 -14.17 16.72
C SER B 69 20.97 -12.86 15.93
N LEU B 70 20.72 -11.73 16.61
CA LEU B 70 20.84 -10.43 16.01
C LEU B 70 21.83 -9.66 16.87
N TYR B 71 22.75 -8.96 16.22
CA TYR B 71 23.73 -8.14 16.94
C TYR B 71 23.66 -6.70 16.42
N PHE B 72 23.69 -5.70 17.32
CA PHE B 72 23.48 -4.31 16.99
C PHE B 72 24.78 -3.60 17.32
N LEU B 73 25.45 -3.09 16.28
CA LEU B 73 26.69 -2.37 16.43
C LEU B 73 26.47 -0.90 16.07
N ALA B 74 27.14 -0.03 16.79
CA ALA B 74 26.96 1.38 16.57
C ALA B 74 28.09 2.20 17.17
N TYR B 75 28.37 3.36 16.61
CA TYR B 75 29.34 4.26 17.25
C TYR B 75 28.61 4.96 18.38
N GLU B 76 28.62 4.33 19.54
CA GLU B 76 27.95 4.84 20.71
C GLU B 76 28.87 4.64 21.92
N ASP B 77 28.76 5.50 22.94
CA ASP B 77 29.54 5.37 24.14
C ASP B 77 28.91 4.30 25.02
N LYS B 78 29.68 3.29 25.39
CA LYS B 78 29.18 2.18 26.19
C LYS B 78 28.59 2.65 27.52
N ASN B 79 29.04 3.78 28.09
CA ASN B 79 28.45 4.32 29.33
C ASN B 79 26.95 4.66 29.21
N ASP B 80 26.51 5.04 28.00
CA ASP B 80 25.13 5.47 27.74
C ASP B 80 24.24 4.26 27.52
N ILE B 81 24.81 3.07 27.52
CA ILE B 81 23.96 1.93 27.27
C ILE B 81 23.17 1.62 28.54
N PRO B 82 21.82 1.60 28.56
CA PRO B 82 21.06 1.26 29.78
C PRO B 82 21.30 -0.18 30.25
N LYS B 83 21.28 -0.44 31.58
CA LYS B 83 21.50 -1.78 32.07
C LYS B 83 20.24 -2.63 32.05
N GLU B 84 19.04 -2.02 32.15
CA GLU B 84 17.83 -2.80 32.25
C GLU B 84 17.46 -3.29 30.84
N LYS B 85 17.33 -4.61 30.70
CA LYS B 85 16.96 -5.31 29.48
C LYS B 85 16.00 -4.46 28.64
N ASP B 86 14.91 -3.96 29.23
CA ASP B 86 13.82 -3.40 28.46
C ASP B 86 14.23 -2.05 27.93
N GLU B 87 14.83 -1.23 28.82
CA GLU B 87 15.25 0.08 28.43
C GLU B 87 16.33 0.02 27.33
N LYS B 88 17.26 -0.96 27.43
CA LYS B 88 18.40 -1.06 26.53
C LYS B 88 17.87 -1.29 25.10
N ILE B 89 16.91 -2.21 24.93
CA ILE B 89 16.29 -2.45 23.64
C ILE B 89 15.75 -1.15 23.03
N ALA B 90 15.01 -0.37 23.86
CA ALA B 90 14.38 0.83 23.42
C ALA B 90 15.44 1.83 23.03
N TRP B 91 16.52 1.88 23.83
CA TRP B 91 17.59 2.80 23.53
C TRP B 91 18.31 2.39 22.24
N ALA B 92 18.71 1.11 22.16
CA ALA B 92 19.51 0.63 21.02
C ALA B 92 18.80 0.85 19.70
N LEU B 93 17.50 0.48 19.61
CA LEU B 93 16.73 0.51 18.38
C LEU B 93 16.18 1.90 18.07
N SER B 94 16.49 2.91 18.91
CA SER B 94 16.20 4.32 18.66
C SER B 94 17.48 5.06 18.35
N ARG B 95 18.69 4.40 18.32
CA ARG B 95 19.88 5.00 17.76
C ARG B 95 19.86 5.06 16.22
N LYS B 96 20.40 6.13 15.69
CA LYS B 96 20.61 6.29 14.26
C LYS B 96 21.81 5.47 13.86
N ALA B 97 21.80 5.00 12.60
CA ALA B 97 23.02 4.50 11.98
C ALA B 97 23.62 3.30 12.72
N THR B 98 22.78 2.30 13.01
CA THR B 98 23.22 1.05 13.57
C THR B 98 23.44 0.06 12.44
N LEU B 99 24.27 -0.95 12.76
CA LEU B 99 24.49 -2.11 11.92
C LEU B 99 23.97 -3.37 12.58
N GLU B 100 22.99 -4.01 11.98
CA GLU B 100 22.34 -5.20 12.51
C GLU B 100 22.99 -6.39 11.75
N LEU B 101 23.67 -7.29 12.47
CA LEU B 101 24.35 -8.42 11.84
C LEU B 101 23.57 -9.65 12.21
N THR B 102 23.10 -10.41 11.19
CA THR B 102 22.26 -11.54 11.48
C THR B 102 23.11 -12.80 11.39
N HIS B 103 23.10 -13.63 12.45
CA HIS B 103 23.75 -14.93 12.38
C HIS B 103 22.74 -16.06 12.41
N ASN B 104 22.69 -16.85 11.35
CA ASN B 104 21.93 -18.08 11.27
C ASN B 104 22.82 -19.15 11.91
N TRP B 105 22.34 -19.76 12.99
CA TRP B 105 23.19 -20.62 13.81
C TRP B 105 23.67 -21.79 12.99
N GLY B 106 24.98 -22.07 13.01
CA GLY B 106 25.46 -23.14 12.15
C GLY B 106 26.37 -22.71 11.01
N THR B 107 26.14 -21.52 10.44
CA THR B 107 26.93 -21.07 9.31
C THR B 107 28.43 -21.17 9.60
N GLU B 108 28.89 -20.92 10.85
CA GLU B 108 30.33 -20.69 11.06
C GLU B 108 31.07 -21.99 10.74
N ASP B 109 30.39 -23.14 10.81
CA ASP B 109 31.01 -24.46 10.75
C ASP B 109 30.92 -25.08 9.35
N ASP B 110 30.24 -24.43 8.38
CA ASP B 110 30.22 -24.87 6.98
C ASP B 110 31.31 -24.07 6.23
N GLU B 111 32.32 -24.84 5.75
CA GLU B 111 33.49 -24.33 5.05
C GLU B 111 33.16 -23.61 3.74
N THR B 112 32.14 -24.10 2.99
CA THR B 112 31.80 -23.52 1.69
C THR B 112 30.91 -22.28 1.83
N GLN B 113 30.03 -22.24 2.86
CA GLN B 113 29.03 -21.18 3.00
C GLN B 113 29.71 -19.80 2.98
N SER B 114 29.13 -18.90 2.17
CA SER B 114 29.47 -17.49 2.17
C SER B 114 28.26 -16.66 1.72
N TYR B 115 28.13 -15.47 2.32
CA TYR B 115 27.10 -14.55 1.89
C TYR B 115 27.66 -13.81 0.68
N HIS B 116 26.78 -13.27 -0.15
CA HIS B 116 27.12 -12.47 -1.33
C HIS B 116 27.21 -10.97 -0.98
N ASN B 117 28.26 -10.27 -1.39
CA ASN B 117 28.42 -8.90 -0.91
C ASN B 117 27.72 -7.82 -1.77
N GLY B 118 27.13 -8.21 -2.90
CA GLY B 118 26.29 -7.38 -3.70
C GLY B 118 27.04 -6.69 -4.85
N ASN B 119 28.34 -6.94 -4.92
CA ASN B 119 29.19 -6.22 -5.87
C ASN B 119 29.61 -7.11 -7.07
N SER B 120 29.19 -8.35 -7.13
CA SER B 120 29.33 -9.13 -8.36
C SER B 120 27.94 -9.63 -8.67
N ASP B 121 27.75 -10.15 -9.88
CA ASP B 121 26.46 -10.63 -10.30
C ASP B 121 25.91 -11.68 -9.34
N PRO B 122 24.65 -11.64 -8.86
CA PRO B 122 23.72 -10.52 -9.13
C PRO B 122 23.97 -9.34 -8.18
N ARG B 123 24.22 -8.17 -8.76
CA ARG B 123 24.43 -6.94 -8.00
C ARG B 123 23.15 -6.39 -7.38
N GLY B 124 23.32 -5.69 -6.24
CA GLY B 124 22.30 -4.95 -5.50
C GLY B 124 22.95 -3.92 -4.55
N PHE B 125 22.94 -4.30 -3.28
CA PHE B 125 23.71 -3.68 -2.22
C PHE B 125 25.17 -3.53 -2.63
N GLY B 126 25.73 -2.35 -2.26
CA GLY B 126 27.09 -2.02 -2.63
C GLY B 126 27.99 -2.02 -1.40
N HIS B 127 27.66 -1.22 -0.38
CA HIS B 127 28.54 -1.10 0.78
C HIS B 127 27.91 -0.34 1.94
N ILE B 128 28.58 -0.38 3.11
CA ILE B 128 28.36 0.69 4.10
C ILE B 128 29.57 1.64 4.02
N GLY B 129 29.54 2.80 4.67
CA GLY B 129 30.60 3.73 4.52
C GLY B 129 30.86 4.44 5.85
N ILE B 130 32.10 4.68 6.18
CA ILE B 130 32.54 5.24 7.46
C ILE B 130 33.34 6.51 7.16
N ALA B 131 32.82 7.61 7.68
CA ALA B 131 33.50 8.88 7.64
C ALA B 131 34.53 8.89 8.75
N VAL B 132 35.75 9.24 8.33
CA VAL B 132 36.91 9.30 9.22
C VAL B 132 37.63 10.64 9.01
N PRO B 133 38.44 11.11 9.97
CA PRO B 133 39.06 12.41 9.75
C PRO B 133 40.31 12.32 8.88
N ASP B 134 40.83 11.11 8.59
CA ASP B 134 42.04 10.96 7.80
C ASP B 134 42.08 9.55 7.24
N VAL B 135 41.75 9.48 5.94
CA VAL B 135 41.63 8.17 5.26
C VAL B 135 43.02 7.51 5.25
N TYR B 136 44.07 8.36 5.06
CA TYR B 136 45.40 7.78 4.81
C TYR B 136 45.87 7.10 6.08
N SER B 137 45.69 7.78 7.20
CA SER B 137 46.08 7.26 8.50
C SER B 137 45.29 6.01 8.89
N ALA B 138 43.97 6.11 8.73
CA ALA B 138 43.09 4.99 9.13
C ALA B 138 43.51 3.76 8.33
N CYS B 139 43.78 3.95 7.04
CA CYS B 139 44.20 2.84 6.16
C CYS B 139 45.60 2.28 6.47
N LYS B 140 46.56 3.09 6.89
CA LYS B 140 47.83 2.54 7.41
C LYS B 140 47.56 1.65 8.63
N ARG B 141 46.60 2.05 9.49
CA ARG B 141 46.29 1.20 10.64
C ARG B 141 45.64 -0.12 10.17
N PHE B 142 44.67 -0.05 9.25
CA PHE B 142 44.01 -1.25 8.74
C PHE B 142 45.05 -2.19 8.15
N GLU B 143 46.02 -1.66 7.42
CA GLU B 143 47.08 -2.47 6.82
C GLU B 143 47.89 -3.18 7.90
N GLU B 144 48.32 -2.43 8.93
CA GLU B 144 49.03 -2.93 10.11
C GLU B 144 48.23 -4.07 10.73
N LEU B 145 46.92 -3.97 10.71
CA LEU B 145 46.13 -4.98 11.38
C LEU B 145 45.73 -6.09 10.41
N GLY B 146 46.15 -6.05 9.12
CA GLY B 146 45.94 -7.18 8.22
C GLY B 146 44.59 -7.16 7.54
N VAL B 147 43.90 -6.01 7.54
CA VAL B 147 42.58 -5.94 6.89
C VAL B 147 42.73 -6.11 5.39
N LYS B 148 41.74 -6.74 4.74
CA LYS B 148 41.77 -6.88 3.29
C LYS B 148 41.21 -5.62 2.65
N PHE B 149 41.91 -5.09 1.64
CA PHE B 149 41.47 -3.97 0.83
C PHE B 149 40.92 -4.34 -0.55
N VAL B 150 39.75 -3.77 -0.90
CA VAL B 150 39.29 -3.72 -2.29
C VAL B 150 40.02 -2.62 -3.06
N LYS B 151 40.19 -1.49 -2.42
CA LYS B 151 40.81 -0.30 -3.03
C LYS B 151 41.57 0.50 -1.95
N LYS B 152 42.83 0.71 -2.13
CA LYS B 152 43.62 1.57 -1.21
C LYS B 152 43.53 3.02 -1.62
N PRO B 153 43.78 4.00 -0.70
CA PRO B 153 43.41 5.38 -0.94
C PRO B 153 43.77 5.90 -2.34
N ASP B 154 44.97 5.58 -2.81
CA ASP B 154 45.49 6.13 -4.05
C ASP B 154 45.47 5.16 -5.25
N ASP B 155 44.64 4.12 -5.21
CA ASP B 155 44.38 3.28 -6.36
C ASP B 155 43.26 3.92 -7.18
N GLY B 156 43.38 3.94 -8.50
CA GLY B 156 42.40 4.53 -9.41
C GLY B 156 42.36 6.04 -9.26
N LYS B 157 41.24 6.61 -9.68
CA LYS B 157 41.14 8.03 -9.94
C LYS B 157 40.58 8.74 -8.73
N MET B 158 39.77 8.05 -7.94
CA MET B 158 39.24 8.72 -6.78
C MET B 158 40.30 8.55 -5.70
N LYS B 159 41.00 9.65 -5.35
CA LYS B 159 42.08 9.65 -4.36
C LYS B 159 41.55 9.99 -2.95
N GLY B 160 42.27 9.45 -1.97
CA GLY B 160 41.91 9.66 -0.60
C GLY B 160 40.57 9.02 -0.28
N LEU B 161 40.21 8.00 -1.07
CA LEU B 161 39.03 7.15 -0.83
C LEU B 161 39.43 5.68 -0.89
N ALA B 162 39.01 4.89 0.09
CA ALA B 162 39.40 3.49 0.20
C ALA B 162 38.16 2.60 0.33
N PHE B 163 38.33 1.33 0.08
CA PHE B 163 37.32 0.34 0.41
C PHE B 163 38.08 -0.83 1.01
N ILE B 164 37.53 -1.33 2.14
CA ILE B 164 38.04 -2.51 2.86
C ILE B 164 36.90 -3.52 2.88
N GLN B 165 37.22 -4.69 3.40
CA GLN B 165 36.19 -5.75 3.50
C GLN B 165 36.16 -6.25 4.93
N ASP B 166 34.97 -6.56 5.38
CA ASP B 166 34.77 -7.21 6.65
C ASP B 166 34.99 -8.73 6.47
N PRO B 167 34.96 -9.54 7.56
CA PRO B 167 35.25 -10.99 7.48
C PRO B 167 34.32 -11.76 6.56
N ASP B 168 33.16 -11.19 6.15
CA ASP B 168 32.28 -11.83 5.21
C ASP B 168 32.54 -11.37 3.80
N GLY B 169 33.40 -10.36 3.58
CA GLY B 169 33.61 -9.81 2.24
C GLY B 169 32.72 -8.61 1.83
N TYR B 170 31.92 -8.13 2.75
CA TYR B 170 31.11 -6.97 2.49
C TYR B 170 32.03 -5.79 2.40
N TRP B 171 31.79 -4.88 1.46
CA TRP B 171 32.67 -3.73 1.24
C TRP B 171 32.32 -2.59 2.20
N ILE B 172 33.35 -1.91 2.71
CA ILE B 172 33.21 -0.75 3.59
C ILE B 172 33.98 0.38 2.94
N GLU B 173 33.26 1.45 2.62
CA GLU B 173 33.90 2.62 2.08
C GLU B 173 34.51 3.31 3.29
N ILE B 174 35.73 3.81 3.12
CA ILE B 174 36.39 4.67 4.09
C ILE B 174 36.59 6.04 3.45
N LEU B 175 35.87 7.09 3.94
CA LEU B 175 35.91 8.39 3.30
C LEU B 175 36.13 9.54 4.28
N ASN B 176 36.59 10.66 3.73
CA ASN B 176 36.78 11.89 4.50
C ASN B 176 35.83 12.95 3.93
N PRO B 177 34.82 13.36 4.70
CA PRO B 177 33.77 14.21 4.18
C PRO B 177 34.38 15.38 3.41
N ASN B 178 35.48 15.89 3.97
CA ASN B 178 36.09 17.12 3.49
C ASN B 178 36.83 16.92 2.19
N LYS B 179 37.01 15.69 1.71
CA LYS B 179 37.78 15.43 0.51
C LYS B 179 36.86 15.05 -0.64
N MET B 180 35.63 14.68 -0.29
CA MET B 180 34.59 14.25 -1.22
C MET B 180 34.28 15.31 -2.29
N ALA B 181 34.30 16.58 -1.87
CA ALA B 181 34.19 17.71 -2.77
C ALA B 181 35.30 17.65 -3.83
N THR B 182 36.50 17.18 -3.47
CA THR B 182 37.66 17.35 -4.34
C THR B 182 38.35 16.01 -4.62
N LEU B 183 37.55 14.98 -5.03
CA LEU B 183 38.06 13.60 -4.97
C LEU B 183 39.24 13.38 -5.92
N MET B 184 39.02 13.87 -7.16
CA MET B 184 39.94 13.95 -8.30
C MET B 184 41.06 14.97 -8.05
N LEU B 185 42.23 14.68 -8.66
CA LEU B 185 43.36 15.61 -8.75
C LEU B 185 42.96 16.86 -9.56
N GLU B 186 43.46 18.02 -9.08
CA GLU B 186 42.94 19.33 -9.43
C GLU B 186 44.10 20.33 -9.47
N HIS B 187 43.90 21.43 -10.22
CA HIS B 187 44.88 22.51 -10.41
C HIS B 187 46.22 21.99 -10.97
N HIS B 188 46.24 20.80 -11.59
CA HIS B 188 47.46 20.07 -11.87
C HIS B 188 47.17 19.09 -13.00
N GLY C 9 -37.62 11.62 -25.71
CA GLY C 9 -36.33 11.21 -26.27
C GLY C 9 -35.20 11.30 -25.25
N GLY C 10 -35.47 11.44 -23.94
CA GLY C 10 -34.39 11.64 -22.96
C GLY C 10 -33.45 12.82 -23.30
N LEU C 11 -32.25 12.95 -22.66
CA LEU C 11 -31.38 14.11 -22.85
C LEU C 11 -30.32 13.86 -23.91
N THR C 12 -29.92 14.93 -24.58
CA THR C 12 -28.76 14.86 -25.43
C THR C 12 -27.54 14.78 -24.54
N ASP C 13 -26.39 14.38 -25.11
CA ASP C 13 -25.15 14.42 -24.36
C ASP C 13 -24.84 15.80 -23.78
N GLU C 14 -24.88 16.83 -24.62
CA GLU C 14 -24.58 18.20 -24.27
C GLU C 14 -25.50 18.66 -23.16
N ALA C 15 -26.79 18.30 -23.27
CA ALA C 15 -27.77 18.69 -22.27
C ALA C 15 -27.48 18.05 -20.91
N ALA C 16 -27.14 16.77 -20.96
CA ALA C 16 -26.84 16.01 -19.76
C ALA C 16 -25.64 16.62 -19.07
N LEU C 17 -24.65 17.02 -19.87
CA LEU C 17 -23.43 17.58 -19.28
C LEU C 17 -23.74 18.95 -18.66
N SER C 18 -24.79 19.63 -19.18
CA SER C 18 -25.15 20.93 -18.68
C SER C 18 -25.68 20.87 -17.26
N CYS C 19 -26.31 19.72 -16.97
CA CYS C 19 -26.85 19.49 -15.62
C CYS C 19 -25.83 18.96 -14.60
N CYS C 20 -24.58 18.73 -15.02
CA CYS C 20 -23.48 18.32 -14.16
C CYS C 20 -22.77 19.53 -13.56
N SER C 21 -22.41 19.52 -12.27
CA SER C 21 -21.55 20.55 -11.73
C SER C 21 -20.20 19.94 -11.35
N ASP C 22 -19.18 20.77 -11.28
CA ASP C 22 -17.86 20.35 -10.83
C ASP C 22 -17.89 19.94 -9.36
N ALA C 23 -17.13 18.94 -9.01
CA ALA C 23 -17.04 18.53 -7.62
C ALA C 23 -16.64 19.70 -6.68
N ASP C 24 -17.32 19.86 -5.55
CA ASP C 24 -16.82 20.65 -4.46
C ASP C 24 -15.57 20.02 -3.86
N PRO C 25 -14.53 20.84 -3.52
CA PRO C 25 -13.29 20.31 -2.94
C PRO C 25 -13.54 19.51 -1.66
N SER C 26 -14.62 19.80 -0.96
CA SER C 26 -14.83 19.00 0.24
C SER C 26 -15.10 17.54 -0.12
N THR C 27 -15.53 17.23 -1.38
CA THR C 27 -15.84 15.86 -1.75
C THR C 27 -14.63 15.12 -2.28
N LYS C 28 -13.43 15.71 -2.17
CA LYS C 28 -12.32 15.22 -3.00
C LYS C 28 -11.82 13.82 -2.62
N ASP C 29 -11.96 13.43 -1.33
CA ASP C 29 -11.55 12.12 -0.88
C ASP C 29 -12.72 11.14 -0.69
N PHE C 30 -13.92 11.50 -1.19
CA PHE C 30 -15.03 10.57 -1.13
C PHE C 30 -14.84 9.37 -2.07
N LEU C 31 -15.44 8.20 -1.74
CA LEU C 31 -15.32 7.02 -2.61
C LEU C 31 -16.59 6.20 -2.50
N LEU C 32 -16.93 5.52 -3.59
CA LEU C 32 -18.12 4.68 -3.54
C LEU C 32 -17.68 3.36 -2.90
N GLN C 33 -17.96 3.22 -1.57
CA GLN C 33 -17.46 2.14 -0.74
C GLN C 33 -18.25 0.82 -0.81
N GLN C 34 -19.60 0.91 -0.97
CA GLN C 34 -20.42 -0.25 -0.71
C GLN C 34 -21.76 -0.23 -1.46
N THR C 35 -22.21 -1.47 -1.77
CA THR C 35 -23.59 -1.72 -2.23
C THR C 35 -24.15 -2.80 -1.26
N MET C 36 -25.25 -2.52 -0.57
CA MET C 36 -25.83 -3.42 0.39
C MET C 36 -26.98 -4.14 -0.28
N LEU C 37 -26.92 -5.48 -0.24
CA LEU C 37 -28.00 -6.40 -0.49
C LEU C 37 -28.31 -7.25 0.76
N ARG C 38 -29.58 -7.43 1.10
CA ARG C 38 -30.02 -8.39 2.11
C ARG C 38 -30.04 -9.82 1.50
N VAL C 39 -29.49 -10.79 2.24
CA VAL C 39 -29.32 -12.18 1.80
C VAL C 39 -30.04 -13.11 2.77
N LYS C 40 -30.86 -13.98 2.23
CA LYS C 40 -31.65 -14.93 3.02
C LYS C 40 -30.75 -15.90 3.79
N ASP C 41 -29.69 -16.40 3.13
CA ASP C 41 -28.83 -17.42 3.74
C ASP C 41 -27.36 -17.07 3.48
N PRO C 42 -26.66 -16.59 4.51
CA PRO C 42 -25.28 -16.19 4.36
C PRO C 42 -24.33 -17.29 3.86
N LYS C 43 -24.64 -18.54 4.16
CA LYS C 43 -23.83 -19.70 3.80
C LYS C 43 -23.75 -19.85 2.28
N LYS C 44 -24.89 -19.77 1.61
CA LYS C 44 -24.98 -19.89 0.17
C LYS C 44 -24.38 -18.69 -0.56
N SER C 45 -24.58 -17.49 0.00
CA SER C 45 -24.15 -16.25 -0.59
C SER C 45 -22.63 -16.22 -0.59
N LEU C 46 -22.05 -16.58 0.59
CA LEU C 46 -20.61 -16.62 0.82
C LEU C 46 -19.92 -17.59 -0.15
N ASP C 47 -20.53 -18.74 -0.37
CA ASP C 47 -20.01 -19.76 -1.25
C ASP C 47 -20.05 -19.16 -2.65
N PHE C 48 -21.21 -18.66 -3.05
CA PHE C 48 -21.41 -18.07 -4.36
C PHE C 48 -20.38 -16.98 -4.71
N TYR C 49 -20.28 -15.96 -3.81
CA TYR C 49 -19.50 -14.77 -4.13
C TYR C 49 -18.01 -15.11 -4.08
N THR C 50 -17.57 -16.04 -3.22
CA THR C 50 -16.14 -16.35 -3.10
C THR C 50 -15.75 -17.45 -4.12
N ARG C 51 -16.48 -18.53 -4.07
CA ARG C 51 -16.11 -19.67 -4.90
C ARG C 51 -16.38 -19.34 -6.36
N VAL C 52 -17.58 -18.85 -6.66
CA VAL C 52 -17.96 -18.71 -8.07
C VAL C 52 -17.40 -17.39 -8.68
N LEU C 53 -17.47 -16.28 -7.91
CA LEU C 53 -17.11 -14.98 -8.50
C LEU C 53 -15.73 -14.51 -8.13
N GLY C 54 -15.07 -15.18 -7.15
CA GLY C 54 -13.70 -14.94 -6.80
C GLY C 54 -13.52 -13.77 -5.83
N MET C 55 -14.59 -13.31 -5.15
CA MET C 55 -14.46 -12.25 -4.18
C MET C 55 -13.88 -12.84 -2.90
N THR C 56 -13.45 -11.97 -2.00
CA THR C 56 -12.91 -12.36 -0.71
C THR C 56 -13.75 -11.73 0.42
N LEU C 57 -14.05 -12.49 1.48
CA LEU C 57 -14.65 -11.92 2.68
C LEU C 57 -13.58 -11.13 3.44
N ILE C 58 -13.78 -9.81 3.61
CA ILE C 58 -12.79 -8.93 4.20
C ILE C 58 -13.21 -8.50 5.60
N GLN C 59 -14.43 -8.85 6.01
CA GLN C 59 -14.94 -8.34 7.28
C GLN C 59 -16.39 -8.79 7.51
N LYS C 60 -16.62 -9.10 8.79
CA LYS C 60 -17.90 -9.56 9.27
C LYS C 60 -18.22 -8.83 10.57
N CYS C 61 -19.43 -8.33 10.70
CA CYS C 61 -19.90 -7.59 11.89
C CYS C 61 -21.24 -8.22 12.34
N ASP C 62 -21.41 -8.45 13.65
CA ASP C 62 -22.59 -9.05 14.23
C ASP C 62 -23.25 -8.08 15.23
N PHE C 63 -24.57 -8.07 15.33
CA PHE C 63 -25.33 -7.16 16.19
C PHE C 63 -26.37 -8.03 16.90
N PRO C 64 -26.12 -8.47 18.14
CA PRO C 64 -26.98 -9.47 18.79
C PRO C 64 -28.32 -8.93 19.27
N ILE C 65 -28.38 -7.63 19.62
CA ILE C 65 -29.68 -7.09 19.99
C ILE C 65 -30.57 -6.87 18.75
N MET C 66 -29.97 -6.44 17.61
CA MET C 66 -30.71 -6.16 16.39
C MET C 66 -30.91 -7.45 15.61
N LYS C 67 -30.14 -8.50 15.92
CA LYS C 67 -30.32 -9.80 15.30
C LYS C 67 -29.89 -9.70 13.83
N PHE C 68 -28.69 -9.14 13.57
CA PHE C 68 -28.29 -9.15 12.16
C PHE C 68 -26.76 -9.21 12.09
N SER C 69 -26.26 -9.80 10.98
CA SER C 69 -24.86 -9.79 10.62
C SER C 69 -24.61 -9.00 9.32
N LEU C 70 -23.45 -8.36 9.20
CA LEU C 70 -22.96 -7.74 7.99
C LEU C 70 -21.70 -8.46 7.51
N TYR C 71 -21.69 -8.79 6.21
CA TYR C 71 -20.59 -9.43 5.51
C TYR C 71 -20.08 -8.54 4.36
N PHE C 72 -18.80 -8.20 4.38
CA PHE C 72 -18.19 -7.37 3.35
C PHE C 72 -17.37 -8.24 2.42
N LEU C 73 -17.72 -8.20 1.12
CA LEU C 73 -17.02 -8.90 0.05
C LEU C 73 -16.45 -7.90 -0.93
N ALA C 74 -15.29 -8.25 -1.49
CA ALA C 74 -14.53 -7.34 -2.31
C ALA C 74 -13.60 -8.19 -3.14
N TYR C 75 -13.17 -7.62 -4.29
CA TYR C 75 -12.06 -8.18 -5.04
C TYR C 75 -10.81 -7.64 -4.38
N GLU C 76 -10.27 -8.29 -3.35
CA GLU C 76 -9.05 -7.92 -2.68
C GLU C 76 -8.26 -9.19 -2.38
N ASP C 77 -6.95 -9.17 -2.59
CA ASP C 77 -6.08 -10.23 -2.07
C ASP C 77 -6.26 -10.41 -0.54
N LYS C 78 -6.54 -11.60 -0.04
CA LYS C 78 -6.69 -11.75 1.39
C LYS C 78 -5.41 -11.54 2.21
N ASN C 79 -4.24 -11.47 1.59
CA ASN C 79 -3.00 -11.19 2.30
C ASN C 79 -2.87 -9.73 2.52
N ASP C 80 -3.72 -8.93 1.85
CA ASP C 80 -3.71 -7.51 2.07
C ASP C 80 -4.53 -7.19 3.31
N ILE C 81 -5.36 -8.07 3.81
CA ILE C 81 -6.25 -7.73 4.92
C ILE C 81 -5.42 -7.60 6.18
N PRO C 82 -5.43 -6.45 6.90
CA PRO C 82 -4.77 -6.37 8.20
C PRO C 82 -5.28 -7.36 9.24
N LYS C 83 -4.33 -7.86 10.04
CA LYS C 83 -4.61 -8.83 11.08
C LYS C 83 -5.07 -8.14 12.38
N GLU C 84 -4.63 -6.90 12.61
CA GLU C 84 -5.01 -6.16 13.80
C GLU C 84 -6.44 -5.64 13.61
N LYS C 85 -7.30 -5.78 14.63
CA LYS C 85 -8.73 -5.61 14.47
C LYS C 85 -9.18 -4.17 14.17
N ASP C 86 -8.52 -3.15 14.79
CA ASP C 86 -8.91 -1.76 14.53
C ASP C 86 -8.49 -1.41 13.11
N GLU C 87 -7.31 -1.84 12.70
CA GLU C 87 -6.80 -1.57 11.36
C GLU C 87 -7.67 -2.27 10.31
N LYS C 88 -8.10 -3.51 10.63
CA LYS C 88 -8.77 -4.40 9.70
C LYS C 88 -10.12 -3.77 9.33
N ILE C 89 -10.85 -3.26 10.36
CA ILE C 89 -12.13 -2.59 10.16
C ILE C 89 -11.95 -1.34 9.29
N ALA C 90 -10.99 -0.47 9.64
CA ALA C 90 -10.72 0.76 8.88
C ALA C 90 -10.34 0.51 7.42
N TRP C 91 -9.60 -0.59 7.13
CA TRP C 91 -9.23 -1.00 5.80
C TRP C 91 -10.44 -1.51 5.00
N ALA C 92 -11.13 -2.51 5.59
CA ALA C 92 -12.32 -3.08 4.96
C ALA C 92 -13.27 -1.96 4.51
N LEU C 93 -13.70 -1.11 5.45
CA LEU C 93 -14.66 -0.04 5.13
C LEU C 93 -14.02 1.14 4.37
N SER C 94 -12.72 1.10 4.06
CA SER C 94 -12.15 2.11 3.17
C SER C 94 -11.95 1.52 1.77
N ARG C 95 -12.33 0.24 1.55
CA ARG C 95 -12.07 -0.34 0.26
C ARG C 95 -13.14 0.15 -0.74
N LYS C 96 -12.75 0.32 -2.00
CA LYS C 96 -13.69 0.69 -3.04
C LYS C 96 -14.46 -0.53 -3.52
N ALA C 97 -15.71 -0.31 -3.97
CA ALA C 97 -16.47 -1.33 -4.69
C ALA C 97 -16.61 -2.58 -3.80
N THR C 98 -17.19 -2.44 -2.59
CA THR C 98 -17.49 -3.64 -1.82
C THR C 98 -18.97 -3.98 -2.00
N LEU C 99 -19.33 -5.24 -1.75
CA LEU C 99 -20.69 -5.68 -1.50
C LEU C 99 -20.90 -6.05 -0.05
N GLU C 100 -21.86 -5.34 0.57
CA GLU C 100 -22.28 -5.54 1.92
C GLU C 100 -23.54 -6.43 1.94
N LEU C 101 -23.38 -7.60 2.56
CA LEU C 101 -24.47 -8.53 2.61
C LEU C 101 -25.04 -8.47 4.02
N THR C 102 -26.37 -8.19 4.13
CA THR C 102 -27.02 -8.14 5.42
C THR C 102 -27.86 -9.41 5.65
N HIS C 103 -27.58 -10.09 6.74
CA HIS C 103 -28.33 -11.30 7.11
C HIS C 103 -29.12 -10.96 8.36
N ASN C 104 -30.43 -10.96 8.21
CA ASN C 104 -31.32 -10.83 9.35
C ASN C 104 -31.56 -12.25 9.89
N TRP C 105 -31.10 -12.50 11.13
CA TRP C 105 -30.97 -13.87 11.65
C TRP C 105 -32.31 -14.57 11.53
N GLY C 106 -32.36 -15.79 11.01
CA GLY C 106 -33.62 -16.52 11.03
C GLY C 106 -34.24 -16.70 9.66
N THR C 107 -33.93 -15.82 8.66
CA THR C 107 -34.48 -15.95 7.29
C THR C 107 -34.12 -17.30 6.64
N GLU C 108 -32.91 -17.78 6.90
CA GLU C 108 -32.39 -18.98 6.26
C GLU C 108 -33.31 -20.17 6.55
N ASP C 109 -34.05 -20.16 7.65
CA ASP C 109 -34.92 -21.29 7.99
C ASP C 109 -36.35 -21.06 7.54
N ASP C 110 -36.66 -19.94 6.91
CA ASP C 110 -38.05 -19.54 6.71
C ASP C 110 -38.47 -19.81 5.27
N GLU C 111 -39.30 -20.82 5.04
CA GLU C 111 -39.65 -21.24 3.69
C GLU C 111 -40.72 -20.35 3.07
N THR C 112 -41.16 -19.26 3.75
CA THR C 112 -42.05 -18.30 3.09
C THR C 112 -41.34 -16.99 2.70
N GLN C 113 -40.04 -16.90 2.99
CA GLN C 113 -39.28 -15.65 2.90
C GLN C 113 -38.37 -15.70 1.66
N SER C 114 -38.34 -14.59 0.92
CA SER C 114 -37.33 -14.35 -0.10
C SER C 114 -37.26 -12.83 -0.31
N TYR C 115 -36.14 -12.30 -0.75
CA TYR C 115 -36.04 -10.85 -0.96
C TYR C 115 -36.45 -10.56 -2.39
N HIS C 116 -36.70 -9.29 -2.71
CA HIS C 116 -37.06 -8.84 -4.03
C HIS C 116 -35.85 -8.25 -4.75
N ASN C 117 -35.65 -8.68 -6.00
CA ASN C 117 -34.47 -8.45 -6.77
C ASN C 117 -34.53 -7.09 -7.48
N GLY C 118 -35.70 -6.42 -7.45
CA GLY C 118 -35.82 -5.08 -8.00
C GLY C 118 -36.27 -5.06 -9.45
N ASN C 119 -36.31 -6.19 -10.16
CA ASN C 119 -36.53 -6.16 -11.62
C ASN C 119 -37.99 -6.52 -11.92
N SER C 120 -38.84 -6.60 -10.89
CA SER C 120 -40.28 -6.74 -11.07
C SER C 120 -40.98 -5.71 -10.18
N ASP C 121 -42.26 -5.42 -10.46
CA ASP C 121 -43.01 -4.40 -9.76
C ASP C 121 -43.01 -4.70 -8.27
N PRO C 122 -42.60 -3.79 -7.38
CA PRO C 122 -42.11 -2.46 -7.73
C PRO C 122 -40.60 -2.40 -8.00
N ARG C 123 -40.27 -1.90 -9.18
CA ARG C 123 -38.92 -1.77 -9.69
C ARG C 123 -38.17 -0.66 -8.96
N GLY C 124 -36.85 -0.85 -8.85
CA GLY C 124 -35.89 0.16 -8.36
C GLY C 124 -34.44 -0.25 -8.72
N PHE C 125 -33.73 -0.80 -7.74
CA PHE C 125 -32.49 -1.51 -7.95
C PHE C 125 -32.65 -2.44 -9.15
N GLY C 126 -31.59 -2.52 -9.97
CA GLY C 126 -31.56 -3.43 -11.11
C GLY C 126 -30.55 -4.56 -10.97
N HIS C 127 -29.30 -4.23 -10.62
CA HIS C 127 -28.28 -5.27 -10.57
C HIS C 127 -26.94 -4.73 -10.11
N ILE C 128 -26.06 -5.67 -9.78
CA ILE C 128 -24.64 -5.30 -9.83
C ILE C 128 -24.03 -5.82 -11.13
N GLY C 129 -22.81 -5.36 -11.42
CA GLY C 129 -22.12 -5.69 -12.66
C GLY C 129 -20.65 -6.00 -12.44
N ILE C 130 -20.16 -7.10 -13.04
CA ILE C 130 -18.79 -7.54 -12.87
C ILE C 130 -18.08 -7.48 -14.22
N ALA C 131 -16.94 -6.80 -14.29
CA ALA C 131 -16.22 -6.69 -15.55
C ALA C 131 -15.21 -7.82 -15.60
N VAL C 132 -15.24 -8.60 -16.70
CA VAL C 132 -14.42 -9.77 -16.82
C VAL C 132 -13.61 -9.59 -18.09
N PRO C 133 -12.44 -10.23 -18.20
CA PRO C 133 -11.61 -10.05 -19.40
C PRO C 133 -12.28 -10.76 -20.59
N ASP C 134 -13.13 -11.75 -20.33
CA ASP C 134 -13.72 -12.52 -21.41
C ASP C 134 -15.04 -13.14 -20.92
N VAL C 135 -16.16 -12.66 -21.46
CA VAL C 135 -17.51 -13.06 -21.10
C VAL C 135 -17.81 -14.53 -21.43
N TYR C 136 -17.26 -15.04 -22.54
CA TYR C 136 -17.57 -16.40 -22.99
C TYR C 136 -16.83 -17.42 -22.14
N SER C 137 -15.58 -17.16 -21.80
CA SER C 137 -14.84 -18.05 -20.91
C SER C 137 -15.35 -17.99 -19.46
N ALA C 138 -15.72 -16.80 -18.94
CA ALA C 138 -16.42 -16.73 -17.67
C ALA C 138 -17.74 -17.50 -17.65
N CYS C 139 -18.59 -17.34 -18.64
CA CYS C 139 -19.88 -18.01 -18.64
C CYS C 139 -19.78 -19.53 -18.79
N LYS C 140 -18.78 -20.01 -19.54
CA LYS C 140 -18.49 -21.41 -19.62
C LYS C 140 -18.21 -21.94 -18.23
N ARG C 141 -17.31 -21.30 -17.47
CA ARG C 141 -17.07 -21.75 -16.12
C ARG C 141 -18.37 -21.68 -15.30
N PHE C 142 -19.21 -20.65 -15.55
CA PHE C 142 -20.43 -20.47 -14.77
C PHE C 142 -21.38 -21.67 -14.99
N GLU C 143 -21.51 -22.10 -16.24
CA GLU C 143 -22.38 -23.20 -16.59
C GLU C 143 -21.89 -24.45 -15.87
N GLU C 144 -20.58 -24.70 -16.00
CA GLU C 144 -20.00 -25.88 -15.42
C GLU C 144 -20.24 -25.92 -13.92
N LEU C 145 -20.36 -24.77 -13.23
CA LEU C 145 -20.57 -24.71 -11.79
C LEU C 145 -22.05 -24.72 -11.45
N GLY C 146 -22.92 -24.86 -12.44
CA GLY C 146 -24.35 -24.92 -12.20
C GLY C 146 -25.01 -23.59 -11.82
N VAL C 147 -24.42 -22.46 -12.25
CA VAL C 147 -24.88 -21.09 -11.96
C VAL C 147 -26.18 -20.85 -12.68
N LYS C 148 -27.11 -20.18 -12.03
CA LYS C 148 -28.35 -19.88 -12.76
C LYS C 148 -28.21 -18.55 -13.51
N PHE C 149 -28.61 -18.57 -14.80
CA PHE C 149 -28.51 -17.49 -15.73
C PHE C 149 -29.85 -16.81 -15.90
N VAL C 150 -29.89 -15.48 -15.95
CA VAL C 150 -31.03 -14.77 -16.47
C VAL C 150 -30.89 -14.57 -17.98
N LYS C 151 -29.68 -14.36 -18.51
CA LYS C 151 -29.44 -14.19 -19.94
C LYS C 151 -28.03 -14.73 -20.27
N LYS C 152 -28.03 -15.73 -21.14
CA LYS C 152 -26.83 -16.27 -21.77
C LYS C 152 -26.19 -15.24 -22.69
N PRO C 153 -24.85 -15.31 -22.87
CA PRO C 153 -24.11 -14.35 -23.70
C PRO C 153 -24.67 -14.01 -25.09
N ASP C 154 -25.00 -15.01 -25.90
CA ASP C 154 -25.46 -14.78 -27.27
C ASP C 154 -26.99 -14.79 -27.37
N ASP C 155 -27.64 -14.97 -26.23
CA ASP C 155 -29.09 -14.96 -26.13
C ASP C 155 -29.61 -13.53 -26.39
N GLY C 156 -30.94 -13.39 -26.57
CA GLY C 156 -31.64 -12.12 -26.46
C GLY C 156 -30.98 -11.03 -27.32
N LYS C 157 -31.14 -9.76 -26.88
CA LYS C 157 -30.68 -8.60 -27.62
C LYS C 157 -29.14 -8.48 -27.61
N MET C 158 -28.57 -8.06 -26.46
CA MET C 158 -27.17 -7.66 -26.37
C MET C 158 -26.29 -8.91 -26.28
N LYS C 159 -25.68 -9.31 -27.42
CA LYS C 159 -24.76 -10.45 -27.45
C LYS C 159 -23.42 -9.95 -26.89
N GLY C 160 -22.67 -10.88 -26.26
CA GLY C 160 -21.40 -10.58 -25.58
C GLY C 160 -21.56 -9.97 -24.18
N LEU C 161 -22.82 -9.79 -23.75
CA LEU C 161 -23.16 -9.39 -22.39
C LEU C 161 -24.06 -10.47 -21.78
N ALA C 162 -23.91 -10.79 -20.48
CA ALA C 162 -24.69 -11.85 -19.84
C ALA C 162 -25.22 -11.35 -18.52
N PHE C 163 -26.29 -11.97 -18.03
CA PHE C 163 -26.74 -11.83 -16.66
C PHE C 163 -26.88 -13.17 -15.97
N ILE C 164 -26.35 -13.28 -14.76
CA ILE C 164 -26.52 -14.44 -13.89
C ILE C 164 -27.30 -14.01 -12.65
N GLN C 165 -27.62 -14.96 -11.78
CA GLN C 165 -28.44 -14.68 -10.59
C GLN C 165 -27.73 -15.23 -9.38
N ASP C 166 -27.76 -14.55 -8.27
CA ASP C 166 -27.15 -15.12 -7.08
C ASP C 166 -28.16 -16.00 -6.33
N PRO C 167 -27.83 -16.63 -5.20
CA PRO C 167 -28.80 -17.49 -4.50
C PRO C 167 -30.06 -16.78 -4.03
N ASP C 168 -30.01 -15.45 -3.82
CA ASP C 168 -31.19 -14.70 -3.47
C ASP C 168 -31.95 -14.27 -4.71
N GLY C 169 -31.50 -14.57 -5.94
CA GLY C 169 -32.20 -14.11 -7.14
C GLY C 169 -31.82 -12.70 -7.65
N TYR C 170 -30.87 -12.00 -6.99
CA TYR C 170 -30.33 -10.76 -7.50
C TYR C 170 -29.61 -10.95 -8.82
N TRP C 171 -29.87 -10.03 -9.77
CA TRP C 171 -29.27 -10.05 -11.09
C TRP C 171 -27.85 -9.52 -11.11
N ILE C 172 -26.92 -10.28 -11.72
CA ILE C 172 -25.51 -9.86 -11.85
C ILE C 172 -25.11 -9.85 -13.32
N GLU C 173 -24.81 -8.65 -13.84
CA GLU C 173 -24.38 -8.50 -15.21
C GLU C 173 -22.90 -8.83 -15.27
N ILE C 174 -22.54 -9.60 -16.30
CA ILE C 174 -21.18 -9.98 -16.64
C ILE C 174 -20.85 -9.26 -17.97
N LEU C 175 -19.85 -8.38 -17.95
CA LEU C 175 -19.54 -7.57 -19.09
C LEU C 175 -18.05 -7.51 -19.37
N ASN C 176 -17.76 -7.30 -20.64
CA ASN C 176 -16.42 -7.22 -21.15
C ASN C 176 -16.25 -5.77 -21.63
N PRO C 177 -15.56 -4.90 -20.86
CA PRO C 177 -15.45 -3.49 -21.23
C PRO C 177 -14.86 -3.31 -22.64
N ASN C 178 -14.13 -4.29 -23.20
CA ASN C 178 -13.55 -4.07 -24.52
C ASN C 178 -14.51 -4.42 -25.65
N LYS C 179 -15.66 -5.02 -25.36
CA LYS C 179 -16.55 -5.34 -26.45
C LYS C 179 -17.83 -4.56 -26.24
N MET C 180 -17.76 -3.41 -25.60
CA MET C 180 -19.01 -2.71 -25.32
C MET C 180 -19.32 -1.70 -26.42
N ALA C 181 -18.29 -1.21 -27.15
CA ALA C 181 -18.52 -0.25 -28.22
C ALA C 181 -19.29 -0.90 -29.36
N THR C 182 -18.92 -2.14 -29.72
CA THR C 182 -19.49 -2.78 -30.89
C THR C 182 -21.02 -2.99 -30.74
N LEU C 183 -21.64 -2.53 -29.62
CA LEU C 183 -23.08 -2.67 -29.32
C LEU C 183 -23.72 -1.47 -28.59
N MET C 184 -23.01 -0.75 -27.69
CA MET C 184 -23.56 0.42 -26.99
C MET C 184 -24.00 1.52 -27.98
N GLY D 9 -29.54 -17.17 15.82
CA GLY D 9 -28.18 -16.82 16.31
C GLY D 9 -27.26 -16.21 15.24
N GLY D 10 -27.50 -16.40 13.96
CA GLY D 10 -26.55 -16.01 12.91
C GLY D 10 -25.21 -16.81 12.97
N LEU D 11 -24.38 -16.77 11.92
CA LEU D 11 -23.14 -17.56 11.86
C LEU D 11 -22.01 -17.06 12.74
N THR D 12 -21.16 -17.98 13.24
CA THR D 12 -19.92 -17.56 13.91
C THR D 12 -18.93 -17.11 12.85
N ASP D 13 -17.91 -16.33 13.23
CA ASP D 13 -16.83 -15.99 12.31
C ASP D 13 -16.21 -17.21 11.60
N GLU D 14 -16.05 -18.34 12.34
CA GLU D 14 -15.36 -19.51 11.85
C GLU D 14 -16.29 -20.26 10.95
N ALA D 15 -17.58 -20.32 11.29
CA ALA D 15 -18.54 -20.97 10.39
C ALA D 15 -18.57 -20.19 9.08
N ALA D 16 -18.46 -18.87 9.16
CA ALA D 16 -18.61 -18.04 7.98
C ALA D 16 -17.39 -18.24 7.08
N LEU D 17 -16.19 -18.13 7.65
CA LEU D 17 -14.93 -18.39 6.96
C LEU D 17 -14.87 -19.76 6.30
N SER D 18 -15.29 -20.83 6.99
CA SER D 18 -15.49 -22.17 6.46
C SER D 18 -16.44 -22.23 5.26
N CYS D 19 -17.29 -21.18 5.05
CA CYS D 19 -18.15 -21.17 3.89
C CYS D 19 -17.40 -20.56 2.70
N CYS D 20 -16.24 -19.96 2.91
CA CYS D 20 -15.57 -19.21 1.84
C CYS D 20 -14.50 -20.05 1.12
N SER D 21 -14.43 -19.98 -0.23
CA SER D 21 -13.37 -20.60 -1.02
C SER D 21 -12.40 -19.53 -1.49
N ASP D 22 -11.12 -19.92 -1.70
CA ASP D 22 -10.12 -18.99 -2.13
C ASP D 22 -10.44 -18.64 -3.55
N ALA D 23 -9.97 -17.50 -4.06
CA ALA D 23 -10.37 -17.13 -5.42
C ALA D 23 -9.74 -17.98 -6.51
N ASP D 24 -10.53 -18.55 -7.40
CA ASP D 24 -9.99 -19.27 -8.51
C ASP D 24 -9.15 -18.36 -9.40
N PRO D 25 -8.02 -18.85 -9.94
CA PRO D 25 -7.29 -18.06 -10.92
C PRO D 25 -8.07 -17.54 -12.13
N SER D 26 -9.13 -18.19 -12.65
CA SER D 26 -9.86 -17.62 -13.77
C SER D 26 -10.55 -16.31 -13.36
N THR D 27 -10.60 -15.98 -12.06
CA THR D 27 -11.42 -14.83 -11.64
C THR D 27 -10.42 -13.71 -11.36
N LYS D 28 -9.13 -13.95 -11.62
CA LYS D 28 -8.11 -13.06 -11.04
C LYS D 28 -8.26 -11.59 -11.46
N ASP D 29 -8.88 -11.32 -12.63
CA ASP D 29 -8.91 -9.96 -13.17
C ASP D 29 -10.33 -9.40 -13.03
N PHE D 30 -11.18 -10.09 -12.28
CA PHE D 30 -12.55 -9.66 -12.18
C PHE D 30 -12.58 -8.40 -11.38
N LEU D 31 -13.51 -7.48 -11.73
CA LEU D 31 -13.74 -6.36 -10.81
C LEU D 31 -15.23 -6.01 -10.70
N LEU D 32 -15.61 -5.47 -9.53
CA LEU D 32 -16.98 -4.99 -9.30
C LEU D 32 -17.18 -3.60 -9.89
N GLN D 33 -17.81 -3.53 -11.08
CA GLN D 33 -17.72 -2.35 -11.92
C GLN D 33 -18.88 -1.39 -11.71
N GLN D 34 -20.10 -1.92 -11.40
CA GLN D 34 -21.31 -1.14 -11.39
C GLN D 34 -22.38 -1.66 -10.41
N THR D 35 -23.12 -0.68 -9.89
CA THR D 35 -24.42 -0.87 -9.26
C THR D 35 -25.41 -0.06 -10.11
N MET D 36 -26.50 -0.71 -10.56
CA MET D 36 -27.56 -0.05 -11.30
C MET D 36 -28.81 0.30 -10.49
N LEU D 37 -29.21 1.60 -10.57
CA LEU D 37 -30.44 2.13 -9.95
C LEU D 37 -31.28 2.80 -11.04
N ARG D 38 -32.59 2.50 -11.11
CA ARG D 38 -33.52 3.24 -11.98
C ARG D 38 -33.81 4.63 -11.40
N VAL D 39 -33.82 5.63 -12.27
CA VAL D 39 -34.01 7.00 -11.81
C VAL D 39 -35.13 7.65 -12.59
N LYS D 40 -35.92 8.46 -11.87
CA LYS D 40 -37.13 9.01 -12.44
C LYS D 40 -36.80 10.15 -13.37
N ASP D 41 -35.83 10.97 -12.92
CA ASP D 41 -35.51 12.17 -13.69
C ASP D 41 -34.00 12.41 -13.73
N PRO D 42 -33.32 12.21 -14.88
CA PRO D 42 -31.86 12.28 -14.95
C PRO D 42 -31.30 13.68 -14.66
N LYS D 43 -32.11 14.73 -14.86
CA LYS D 43 -31.71 16.11 -14.58
C LYS D 43 -31.44 16.25 -13.09
N LYS D 44 -32.39 15.75 -12.26
CA LYS D 44 -32.28 15.90 -10.82
C LYS D 44 -31.20 14.95 -10.31
N SER D 45 -31.07 13.75 -10.94
CA SER D 45 -30.06 12.81 -10.46
C SER D 45 -28.65 13.32 -10.74
N LEU D 46 -28.40 13.75 -11.98
CA LEU D 46 -27.10 14.25 -12.35
C LEU D 46 -26.67 15.41 -11.43
N ASP D 47 -27.59 16.28 -11.14
CA ASP D 47 -27.31 17.44 -10.29
C ASP D 47 -26.97 16.96 -8.85
N PHE D 48 -27.74 15.96 -8.34
CA PHE D 48 -27.44 15.41 -7.03
C PHE D 48 -26.04 14.77 -6.96
N TYR D 49 -25.75 13.86 -7.89
CA TYR D 49 -24.57 13.05 -7.75
C TYR D 49 -23.31 13.85 -8.03
N THR D 50 -23.36 14.84 -8.95
CA THR D 50 -22.24 15.72 -9.29
C THR D 50 -22.11 16.86 -8.28
N ARG D 51 -23.14 17.70 -8.10
CA ARG D 51 -23.04 18.91 -7.31
C ARG D 51 -23.01 18.56 -5.83
N VAL D 52 -23.90 17.66 -5.36
CA VAL D 52 -23.94 17.31 -3.97
C VAL D 52 -22.80 16.37 -3.60
N LEU D 53 -22.67 15.22 -4.26
CA LEU D 53 -21.72 14.19 -3.82
C LEU D 53 -20.37 14.24 -4.53
N GLY D 54 -20.20 15.02 -5.62
CA GLY D 54 -18.87 15.32 -6.21
C GLY D 54 -18.38 14.19 -7.14
N MET D 55 -19.30 13.33 -7.62
CA MET D 55 -19.01 12.33 -8.62
C MET D 55 -18.94 13.04 -9.98
N THR D 56 -18.49 12.29 -11.01
CA THR D 56 -18.33 12.76 -12.38
C THR D 56 -19.17 11.91 -13.30
N LEU D 57 -19.87 12.50 -14.25
CA LEU D 57 -20.45 11.74 -15.34
C LEU D 57 -19.34 11.28 -16.31
N ILE D 58 -19.12 9.96 -16.40
CA ILE D 58 -18.01 9.47 -17.23
C ILE D 58 -18.45 8.90 -18.60
N GLN D 59 -19.73 8.57 -18.70
CA GLN D 59 -20.27 7.91 -19.90
C GLN D 59 -21.79 7.96 -19.90
N LYS D 60 -22.39 8.13 -21.10
CA LYS D 60 -23.83 8.13 -21.30
C LYS D 60 -24.23 7.36 -22.57
N CYS D 61 -25.17 6.44 -22.50
CA CYS D 61 -25.54 5.61 -23.65
C CYS D 61 -27.05 5.80 -23.84
N ASP D 62 -27.52 5.94 -25.10
CA ASP D 62 -28.91 6.12 -25.50
C ASP D 62 -29.41 4.92 -26.28
N PHE D 63 -30.61 4.46 -25.92
CA PHE D 63 -31.23 3.27 -26.49
C PHE D 63 -32.60 3.65 -27.02
N PRO D 64 -32.74 4.19 -28.26
CA PRO D 64 -34.01 4.74 -28.73
C PRO D 64 -35.09 3.69 -29.01
N ILE D 65 -34.72 2.45 -29.29
CA ILE D 65 -35.72 1.46 -29.61
C ILE D 65 -36.48 1.18 -28.35
N MET D 66 -35.76 0.77 -27.30
CA MET D 66 -36.35 0.49 -26.00
C MET D 66 -36.65 1.76 -25.19
N LYS D 67 -36.15 2.93 -25.60
CA LYS D 67 -36.45 4.21 -25.01
C LYS D 67 -35.92 4.36 -23.57
N PHE D 68 -34.60 4.18 -23.39
CA PHE D 68 -33.97 4.59 -22.14
C PHE D 68 -32.55 5.11 -22.43
N SER D 69 -31.93 5.67 -21.37
CA SER D 69 -30.55 6.08 -21.30
C SER D 69 -29.89 5.51 -20.04
N LEU D 70 -28.58 5.24 -20.13
CA LEU D 70 -27.73 4.88 -19.01
C LEU D 70 -26.78 6.04 -18.73
N TYR D 71 -26.72 6.46 -17.45
CA TYR D 71 -25.72 7.42 -17.05
C TYR D 71 -24.73 6.74 -16.09
N PHE D 72 -23.43 6.89 -16.37
CA PHE D 72 -22.41 6.31 -15.53
C PHE D 72 -21.72 7.38 -14.68
N LEU D 73 -21.88 7.31 -13.34
CA LEU D 73 -21.24 8.22 -12.40
C LEU D 73 -20.12 7.46 -11.63
N ALA D 74 -18.97 8.14 -11.45
CA ALA D 74 -17.87 7.56 -10.71
C ALA D 74 -17.06 8.66 -10.08
N TYR D 75 -16.39 8.32 -8.98
CA TYR D 75 -15.38 9.21 -8.42
C TYR D 75 -14.05 9.02 -9.20
N GLU D 76 -13.94 9.74 -10.29
CA GLU D 76 -12.79 9.77 -11.18
C GLU D 76 -12.62 11.23 -11.63
N ASP D 77 -11.37 11.56 -11.96
CA ASP D 77 -10.99 12.86 -12.47
C ASP D 77 -11.45 12.99 -13.94
N LYS D 78 -12.23 14.02 -14.27
CA LYS D 78 -12.79 14.20 -15.60
C LYS D 78 -11.73 14.27 -16.68
N ASN D 79 -10.52 14.67 -16.36
CA ASN D 79 -9.48 14.78 -17.35
C ASN D 79 -9.02 13.40 -17.78
N ASP D 80 -9.30 12.38 -16.97
CA ASP D 80 -8.91 11.02 -17.28
C ASP D 80 -9.89 10.43 -18.28
N ILE D 81 -11.02 11.09 -18.55
CA ILE D 81 -11.93 10.54 -19.56
C ILE D 81 -11.36 10.62 -20.99
N PRO D 82 -11.17 9.50 -21.74
CA PRO D 82 -10.74 9.60 -23.13
C PRO D 82 -11.73 10.34 -24.01
N LYS D 83 -11.21 11.08 -24.99
CA LYS D 83 -11.99 11.90 -25.89
C LYS D 83 -12.79 11.05 -26.87
N GLU D 84 -12.13 10.05 -27.46
CA GLU D 84 -12.70 9.24 -28.53
C GLU D 84 -13.76 8.26 -27.98
N LYS D 85 -14.82 8.03 -28.77
CA LYS D 85 -16.01 7.37 -28.31
C LYS D 85 -15.73 5.91 -27.92
N ASP D 86 -14.98 5.17 -28.73
CA ASP D 86 -14.76 3.76 -28.46
C ASP D 86 -13.96 3.58 -27.18
N GLU D 87 -12.86 4.32 -27.09
CA GLU D 87 -11.94 4.24 -25.98
C GLU D 87 -12.57 4.72 -24.67
N LYS D 88 -13.46 5.72 -24.76
CA LYS D 88 -14.12 6.28 -23.62
C LYS D 88 -14.97 5.20 -22.96
N ILE D 89 -15.69 4.39 -23.73
CA ILE D 89 -16.49 3.31 -23.15
C ILE D 89 -15.64 2.19 -22.53
N ALA D 90 -14.55 1.78 -23.19
CA ALA D 90 -13.68 0.76 -22.64
C ALA D 90 -13.10 1.19 -21.30
N TRP D 91 -12.75 2.49 -21.24
CA TRP D 91 -12.23 3.08 -20.03
C TRP D 91 -13.34 3.21 -18.95
N ALA D 92 -14.50 3.80 -19.31
CA ALA D 92 -15.59 4.01 -18.36
C ALA D 92 -16.07 2.69 -17.79
N LEU D 93 -16.26 1.72 -18.65
CA LEU D 93 -16.82 0.44 -18.18
C LEU D 93 -15.79 -0.52 -17.59
N SER D 94 -14.52 -0.10 -17.59
CA SER D 94 -13.53 -0.86 -16.86
C SER D 94 -13.16 -0.16 -15.56
N ARG D 95 -13.86 0.93 -15.21
CA ARG D 95 -13.67 1.57 -13.93
C ARG D 95 -14.39 0.80 -12.82
N LYS D 96 -13.75 0.61 -11.66
CA LYS D 96 -14.44 0.09 -10.49
C LYS D 96 -15.42 1.08 -9.89
N ALA D 97 -16.42 0.54 -9.18
CA ALA D 97 -17.26 1.31 -8.26
C ALA D 97 -18.04 2.43 -9.00
N THR D 98 -18.69 2.11 -10.11
CA THR D 98 -19.49 3.07 -10.80
C THR D 98 -20.93 2.89 -10.34
N LEU D 99 -21.69 3.98 -10.46
CA LEU D 99 -23.14 3.96 -10.40
C LEU D 99 -23.73 4.08 -11.80
N GLU D 100 -24.56 3.10 -12.13
CA GLU D 100 -25.25 3.13 -13.41
C GLU D 100 -26.69 3.57 -13.20
N LEU D 101 -27.09 4.74 -13.72
CA LEU D 101 -28.44 5.25 -13.55
C LEU D 101 -29.19 5.00 -14.85
N THR D 102 -30.37 4.36 -14.71
CA THR D 102 -31.18 4.00 -15.86
C THR D 102 -32.42 4.91 -15.86
N HIS D 103 -32.59 5.66 -16.93
CA HIS D 103 -33.72 6.55 -17.16
C HIS D 103 -34.59 5.97 -18.28
N ASN D 104 -35.78 5.45 -17.91
CA ASN D 104 -36.82 5.14 -18.88
C ASN D 104 -37.52 6.43 -19.24
N TRP D 105 -37.40 6.77 -20.53
CA TRP D 105 -37.92 8.00 -21.09
C TRP D 105 -39.42 8.10 -20.79
N GLY D 106 -39.87 9.28 -20.34
CA GLY D 106 -41.24 9.49 -19.95
C GLY D 106 -41.45 9.69 -18.43
N THR D 107 -40.73 8.94 -17.59
CA THR D 107 -41.00 8.91 -16.15
C THR D 107 -40.98 10.29 -15.51
N GLU D 108 -40.18 11.25 -16.09
CA GLU D 108 -39.94 12.54 -15.41
C GLU D 108 -41.22 13.37 -15.40
N ASP D 109 -42.12 13.08 -16.36
CA ASP D 109 -43.35 13.85 -16.51
C ASP D 109 -44.52 13.08 -15.90
N ASP D 110 -44.28 11.99 -15.18
CA ASP D 110 -45.40 11.23 -14.59
C ASP D 110 -45.53 11.54 -13.11
N GLU D 111 -46.59 12.28 -12.77
CA GLU D 111 -46.70 12.78 -11.43
C GLU D 111 -46.82 11.65 -10.39
N THR D 112 -47.41 10.53 -10.78
CA THR D 112 -47.73 9.44 -9.83
C THR D 112 -46.55 8.44 -9.78
N GLN D 113 -45.71 8.31 -10.82
CA GLN D 113 -44.74 7.21 -10.83
C GLN D 113 -43.60 7.47 -9.83
N SER D 114 -43.03 6.42 -9.23
CA SER D 114 -41.82 6.49 -8.45
C SER D 114 -41.17 5.10 -8.40
N TYR D 115 -39.87 5.02 -8.16
CA TYR D 115 -39.19 3.76 -8.00
C TYR D 115 -39.17 3.39 -6.52
N HIS D 116 -38.95 2.11 -6.17
CA HIS D 116 -39.00 1.58 -4.80
C HIS D 116 -37.54 1.48 -4.33
N ASN D 117 -37.22 1.99 -3.12
CA ASN D 117 -35.82 2.06 -2.67
C ASN D 117 -35.31 0.80 -1.96
N GLY D 118 -36.17 -0.23 -1.84
CA GLY D 118 -35.91 -1.56 -1.30
C GLY D 118 -35.91 -1.64 0.23
N ASN D 119 -36.26 -0.53 0.90
CA ASN D 119 -36.19 -0.53 2.35
C ASN D 119 -37.57 -0.66 2.98
N SER D 120 -38.64 -0.82 2.19
CA SER D 120 -39.96 -1.12 2.71
C SER D 120 -40.44 -2.31 1.86
N ASP D 121 -41.52 -2.99 2.28
CA ASP D 121 -42.01 -4.18 1.63
C ASP D 121 -42.25 -3.88 0.15
N PRO D 122 -41.72 -4.63 -0.82
CA PRO D 122 -40.77 -5.71 -0.56
C PRO D 122 -39.29 -5.25 -0.57
N ARG D 123 -38.57 -5.77 0.42
CA ARG D 123 -37.18 -5.38 0.57
C ARG D 123 -36.22 -6.21 -0.26
N GLY D 124 -35.01 -5.64 -0.39
CA GLY D 124 -33.94 -6.35 -1.04
C GLY D 124 -32.67 -5.53 -0.97
N PHE D 125 -32.42 -4.84 -2.06
CA PHE D 125 -31.42 -3.78 -2.02
C PHE D 125 -31.64 -2.88 -0.82
N GLY D 126 -30.56 -2.44 -0.20
CA GLY D 126 -30.70 -1.53 0.94
C GLY D 126 -30.19 -0.12 0.63
N HIS D 127 -28.91 0.00 0.24
CA HIS D 127 -28.33 1.30 0.03
C HIS D 127 -27.05 1.17 -0.75
N ILE D 128 -26.56 2.35 -1.16
CA ILE D 128 -25.16 2.41 -1.55
C ILE D 128 -24.52 3.20 -0.45
N GLY D 129 -23.20 3.26 -0.43
CA GLY D 129 -22.53 3.95 0.65
C GLY D 129 -21.24 4.59 0.21
N ILE D 130 -20.98 5.79 0.73
CA ILE D 130 -19.83 6.64 0.49
C ILE D 130 -19.01 6.81 1.75
N ALA D 131 -17.74 6.43 1.65
CA ALA D 131 -16.83 6.72 2.72
C ALA D 131 -16.31 8.14 2.53
N VAL D 132 -16.20 8.86 3.65
CA VAL D 132 -15.93 10.28 3.71
C VAL D 132 -14.94 10.55 4.86
N PRO D 133 -14.03 11.53 4.73
CA PRO D 133 -13.05 11.81 5.80
C PRO D 133 -13.78 12.22 7.08
N ASP D 134 -14.98 12.78 7.00
CA ASP D 134 -15.62 13.28 8.21
C ASP D 134 -17.11 13.36 7.98
N VAL D 135 -17.91 12.51 8.68
CA VAL D 135 -19.35 12.48 8.50
C VAL D 135 -19.99 13.77 9.02
N TYR D 136 -19.45 14.37 10.08
CA TYR D 136 -20.09 15.58 10.61
C TYR D 136 -20.01 16.71 9.60
N SER D 137 -18.84 17.01 9.07
CA SER D 137 -18.75 18.14 8.13
C SER D 137 -19.45 17.85 6.78
N ALA D 138 -19.34 16.63 6.32
CA ALA D 138 -20.02 16.27 5.10
C ALA D 138 -21.52 16.58 5.27
N CYS D 139 -22.10 16.11 6.38
CA CYS D 139 -23.54 16.19 6.52
C CYS D 139 -24.03 17.62 6.79
N LYS D 140 -23.19 18.41 7.46
CA LYS D 140 -23.50 19.84 7.68
C LYS D 140 -23.60 20.55 6.36
N ARG D 141 -22.65 20.27 5.45
CA ARG D 141 -22.76 20.80 4.07
C ARG D 141 -24.05 20.29 3.45
N PHE D 142 -24.31 19.00 3.59
CA PHE D 142 -25.51 18.44 2.96
C PHE D 142 -26.75 19.20 3.51
N GLU D 143 -26.79 19.46 4.84
CA GLU D 143 -27.98 20.10 5.42
C GLU D 143 -28.08 21.51 4.81
N GLU D 144 -26.96 22.22 4.74
CA GLU D 144 -26.96 23.52 4.10
C GLU D 144 -27.51 23.42 2.68
N LEU D 145 -27.33 22.31 1.95
CA LEU D 145 -27.74 22.27 0.55
C LEU D 145 -29.17 21.75 0.42
N GLY D 146 -29.86 21.40 1.52
CA GLY D 146 -31.28 21.02 1.43
C GLY D 146 -31.49 19.53 1.23
N VAL D 147 -30.43 18.72 1.45
CA VAL D 147 -30.49 17.29 1.17
C VAL D 147 -31.44 16.65 2.20
N LYS D 148 -32.26 15.68 1.74
CA LYS D 148 -33.18 14.98 2.61
C LYS D 148 -32.41 13.87 3.33
N PHE D 149 -32.59 13.81 4.64
CA PHE D 149 -31.95 12.82 5.47
C PHE D 149 -32.87 11.70 5.94
N VAL D 150 -32.32 10.48 5.99
CA VAL D 150 -33.02 9.35 6.57
C VAL D 150 -32.57 9.29 8.03
N LYS D 151 -31.28 9.52 8.22
CA LYS D 151 -30.63 9.44 9.53
C LYS D 151 -29.43 10.41 9.58
N LYS D 152 -29.57 11.47 10.32
CA LYS D 152 -28.46 12.36 10.68
C LYS D 152 -27.46 11.63 11.56
N PRO D 153 -26.20 12.10 11.54
CA PRO D 153 -25.11 11.46 12.28
C PRO D 153 -25.41 11.09 13.73
N ASP D 154 -26.22 11.89 14.44
CA ASP D 154 -26.47 11.64 15.86
C ASP D 154 -27.92 11.23 16.11
N ASP D 155 -28.68 10.97 15.07
CA ASP D 155 -29.98 10.35 15.27
C ASP D 155 -29.81 8.86 15.51
N GLY D 156 -30.57 8.33 16.48
CA GLY D 156 -30.61 6.90 16.68
C GLY D 156 -29.44 6.51 17.53
N LYS D 157 -29.11 5.23 17.51
CA LYS D 157 -28.08 4.77 18.43
C LYS D 157 -26.69 4.78 17.81
N MET D 158 -26.52 4.38 16.53
CA MET D 158 -25.22 4.31 15.87
C MET D 158 -24.85 5.73 15.52
N LYS D 159 -24.30 6.47 16.49
CA LYS D 159 -23.88 7.84 16.27
C LYS D 159 -22.69 7.89 15.33
N GLY D 160 -22.57 9.01 14.60
CA GLY D 160 -21.43 9.22 13.72
C GLY D 160 -21.57 8.51 12.38
N LEU D 161 -22.74 7.94 12.07
CA LEU D 161 -23.02 7.38 10.77
C LEU D 161 -24.31 8.00 10.24
N ALA D 162 -24.38 8.35 8.98
CA ALA D 162 -25.58 9.00 8.48
C ALA D 162 -26.15 8.28 7.26
N PHE D 163 -27.41 8.51 6.95
CA PHE D 163 -27.99 8.08 5.70
C PHE D 163 -28.73 9.26 5.15
N ILE D 164 -28.40 9.58 3.91
CA ILE D 164 -29.16 10.55 3.14
C ILE D 164 -29.97 9.85 2.03
N GLN D 165 -30.83 10.64 1.35
CA GLN D 165 -31.56 10.15 0.17
C GLN D 165 -31.21 10.88 -1.12
N ASP D 166 -31.29 10.17 -2.25
CA ASP D 166 -31.09 10.79 -3.55
C ASP D 166 -32.43 11.30 -4.04
N PRO D 167 -32.56 11.98 -5.20
CA PRO D 167 -33.89 12.46 -5.67
C PRO D 167 -34.93 11.36 -5.89
N ASP D 168 -34.49 10.11 -6.02
CA ASP D 168 -35.42 9.02 -6.08
C ASP D 168 -35.83 8.45 -4.73
N GLY D 169 -35.15 8.86 -3.66
CA GLY D 169 -35.41 8.23 -2.38
C GLY D 169 -34.53 7.00 -2.15
N TYR D 170 -33.52 6.83 -2.94
CA TYR D 170 -32.63 5.73 -2.63
C TYR D 170 -31.73 6.20 -1.46
N TRP D 171 -31.45 5.26 -0.54
CA TRP D 171 -30.62 5.58 0.62
C TRP D 171 -29.14 5.48 0.26
N ILE D 172 -28.38 6.39 0.86
CA ILE D 172 -26.96 6.47 0.64
C ILE D 172 -26.28 6.63 2.03
N GLU D 173 -25.44 5.68 2.43
CA GLU D 173 -24.84 5.70 3.73
C GLU D 173 -23.71 6.69 3.66
N ILE D 174 -23.51 7.46 4.73
CA ILE D 174 -22.33 8.30 4.81
C ILE D 174 -21.52 7.83 6.01
N LEU D 175 -20.28 7.32 5.83
CA LEU D 175 -19.56 6.64 6.87
C LEU D 175 -18.06 7.04 6.84
N ASN D 176 -17.45 7.06 8.04
CA ASN D 176 -16.03 7.42 8.21
C ASN D 176 -15.35 6.14 8.66
N PRO D 177 -14.66 5.46 7.74
CA PRO D 177 -14.07 4.16 8.05
C PRO D 177 -13.11 4.18 9.25
N ASN D 178 -12.51 5.32 9.55
CA ASN D 178 -11.58 5.45 10.67
C ASN D 178 -12.27 5.53 12.05
N LYS D 179 -13.58 5.60 12.15
CA LYS D 179 -14.22 5.73 13.44
C LYS D 179 -15.21 4.59 13.62
N MET D 180 -15.22 3.66 12.68
CA MET D 180 -16.19 2.59 12.68
C MET D 180 -15.77 1.53 13.70
N ALA D 181 -14.46 1.38 13.94
CA ALA D 181 -13.95 0.55 15.02
C ALA D 181 -14.35 1.16 16.37
N THR D 182 -13.89 2.41 16.60
CA THR D 182 -14.07 3.09 17.88
C THR D 182 -15.55 3.08 18.31
N LEU D 183 -16.54 2.81 17.43
CA LEU D 183 -17.91 2.64 17.90
C LEU D 183 -18.36 1.21 17.58
N MET D 184 -19.24 1.02 16.58
CA MET D 184 -19.76 -0.29 16.20
C MET D 184 -20.25 -0.22 14.72
#